data_6DIO
#
_entry.id   6DIO
#
_cell.length_a   113.000
_cell.length_b   113.000
_cell.length_c   437.480
_cell.angle_alpha   90.00
_cell.angle_beta   90.00
_cell.angle_gamma   120.00
#
_symmetry.space_group_name_H-M   'P 65 2 2'
#
loop_
_entity.id
_entity.type
_entity.pdbx_description
1 polymer '3-hydroxy-3-methylglutaryl coenzyme A reductase'
2 non-polymer NICOTINAMIDE-ADENINE-DINUCLEOTIDE
3 non-polymer 'CITRIC ACID'
4 non-polymer 'SULFATE ION'
5 non-polymer 1,2-ETHANEDIOL
6 water water
#
_entity_poly.entity_id   1
_entity_poly.type   'polypeptide(L)'
_entity_poly.pdbx_seq_one_letter_code
;MVADSRLPNFRALTPAQRRDFLADACGLSDAERALLAAPGALPLALADGMIENVFGSFELPLGVAGNFRVNGRDVLVPMA
VEEPSVVAAASYMAKLAREDGGFQTSSTLPLMRAQVQVLGVTDPHGARLAVLQARAQIIERANSRDKVLIGLGGGCKDIE
VHVFPDTPRGPMLVVHLIVDVRDAMGANTVNTMAESVAPLVEKITGGSVRLRILSNLADLRLARARVRLTPQTLATQDRS
GEEIIEGVLDAYTFAAIDPYRAATHNKGIMNGIDPVIVATGNDWRAVEAGAHAYASRSGSYTSLTRWEKDAGGALVGSIE
LPMPVGLVGGATKTHPLARLALKIMDLQSAQQLGEIAAAVGLAQNLGALRALATEGIQRGHMALHARNIALVAGATGDEV
DAVARQLAAEHDVRTDRALEVLAALRARA
;
_entity_poly.pdbx_strand_id   A,B,C
#
# COMPACT_ATOMS: atom_id res chain seq x y z
N VAL A 2 15.94 2.75 -14.84
CA VAL A 2 15.35 1.63 -14.11
C VAL A 2 14.02 2.08 -13.48
N ALA A 3 13.02 1.21 -13.54
CA ALA A 3 11.76 1.47 -12.85
C ALA A 3 11.95 1.45 -11.34
N ASP A 4 11.36 2.43 -10.65
CA ASP A 4 11.54 2.60 -9.21
C ASP A 4 10.17 2.87 -8.60
N SER A 5 9.75 2.00 -7.68
CA SER A 5 8.45 2.15 -7.04
C SER A 5 8.52 2.88 -5.71
N ARG A 6 9.71 3.35 -5.30
CA ARG A 6 9.86 4.08 -4.05
C ARG A 6 9.42 5.52 -4.24
N LEU A 7 8.40 5.94 -3.48
CA LEU A 7 7.91 7.31 -3.60
C LEU A 7 8.55 8.21 -2.55
N PRO A 8 9.10 9.34 -2.95
CA PRO A 8 9.77 10.23 -1.98
C PRO A 8 8.81 11.12 -1.20
N ASN A 9 8.51 10.73 0.04
CA ASN A 9 7.75 11.58 0.97
C ASN A 9 6.44 12.04 0.35
N PHE A 10 5.69 11.09 -0.21
CA PHE A 10 4.44 11.45 -0.88
C PHE A 10 3.42 12.07 0.07
N ARG A 11 3.44 11.70 1.36
CA ARG A 11 2.49 12.30 2.28
C ARG A 11 2.70 13.81 2.41
N ALA A 12 3.90 14.31 2.15
CA ALA A 12 4.20 15.73 2.25
C ALA A 12 4.08 16.48 0.93
N LEU A 13 3.76 15.81 -0.16
CA LEU A 13 3.51 16.50 -1.41
C LEU A 13 2.01 16.75 -1.62
N THR A 14 1.68 17.74 -2.44
CA THR A 14 0.29 17.95 -2.80
C THR A 14 -0.14 16.91 -3.82
N PRO A 15 -1.45 16.68 -3.97
CA PRO A 15 -1.90 15.82 -5.09
C PRO A 15 -1.30 16.19 -6.44
N ALA A 16 -1.17 17.49 -6.76
CA ALA A 16 -0.58 17.89 -8.04
C ALA A 16 0.89 17.50 -8.15
N GLN A 17 1.64 17.67 -7.06
CA GLN A 17 3.05 17.27 -7.09
C GLN A 17 3.20 15.76 -7.20
N ARG A 18 2.33 14.98 -6.55
CA ARG A 18 2.36 13.52 -6.75
C ARG A 18 2.06 13.17 -8.20
N ARG A 19 1.06 13.84 -8.80
CA ARG A 19 0.72 13.60 -10.20
C ARG A 19 1.91 13.90 -11.10
N ASP A 20 2.61 15.01 -10.86
CA ASP A 20 3.74 15.33 -11.72
C ASP A 20 4.89 14.35 -11.52
N PHE A 21 5.12 13.92 -10.27
CA PHE A 21 6.15 12.91 -10.03
C PHE A 21 5.87 11.65 -10.82
N LEU A 22 4.62 11.15 -10.76
CA LEU A 22 4.28 9.93 -11.47
C LEU A 22 4.45 10.10 -12.96
N ALA A 23 3.96 11.22 -13.50
CA ALA A 23 4.12 11.48 -14.94
C ALA A 23 5.59 11.55 -15.32
N ASP A 24 6.42 12.14 -14.46
CA ASP A 24 7.85 12.16 -14.74
C ASP A 24 8.45 10.77 -14.66
N ALA A 25 8.28 10.07 -13.53
CA ALA A 25 8.96 8.79 -13.35
C ALA A 25 8.52 7.76 -14.38
N CYS A 26 7.23 7.78 -14.75
CA CYS A 26 6.68 6.77 -15.65
C CYS A 26 6.72 7.18 -17.11
N GLY A 27 7.22 8.36 -17.43
CA GLY A 27 7.31 8.80 -18.81
C GLY A 27 5.97 8.99 -19.47
N LEU A 28 5.00 9.52 -18.75
CA LEU A 28 3.72 9.78 -19.38
C LEU A 28 3.87 10.92 -20.37
N SER A 29 3.08 10.86 -21.44
CA SER A 29 3.04 11.95 -22.40
C SER A 29 2.44 13.19 -21.75
N ASP A 30 2.64 14.34 -22.39
CA ASP A 30 2.03 15.55 -21.84
C ASP A 30 0.50 15.47 -21.95
N ALA A 31 -0.01 14.76 -22.97
CA ALA A 31 -1.46 14.57 -23.07
C ALA A 31 -1.98 13.62 -22.00
N GLU A 32 -1.17 12.65 -21.56
CA GLU A 32 -1.57 11.81 -20.43
C GLU A 32 -1.54 12.62 -19.13
N ARG A 33 -0.49 13.43 -18.94
CA ARG A 33 -0.43 14.30 -17.78
C ARG A 33 -1.64 15.23 -17.72
N ALA A 34 -2.00 15.83 -18.86
CA ALA A 34 -3.20 16.69 -18.88
C ALA A 34 -4.44 15.90 -18.50
N LEU A 35 -4.51 14.63 -18.94
CA LEU A 35 -5.65 13.79 -18.62
C LEU A 35 -5.82 13.62 -17.12
N LEU A 36 -4.71 13.60 -16.37
CA LEU A 36 -4.77 13.46 -14.92
C LEU A 36 -5.00 14.79 -14.22
N ALA A 37 -4.60 15.90 -14.84
CA ALA A 37 -4.69 17.20 -14.21
C ALA A 37 -6.12 17.74 -14.16
N ALA A 38 -7.02 17.23 -14.99
CA ALA A 38 -8.37 17.77 -15.04
C ALA A 38 -9.39 16.66 -14.74
N PRO A 39 -10.51 17.01 -14.11
CA PRO A 39 -11.58 16.01 -13.93
C PRO A 39 -12.26 15.70 -15.25
N GLY A 40 -12.93 14.54 -15.27
CA GLY A 40 -13.65 14.12 -16.46
C GLY A 40 -12.82 13.38 -17.48
N ALA A 41 -11.83 12.58 -17.04
CA ALA A 41 -11.01 11.79 -17.97
C ALA A 41 -11.86 10.82 -18.78
N LEU A 42 -12.96 10.33 -18.19
CA LEU A 42 -13.95 9.50 -18.87
C LEU A 42 -15.01 10.39 -19.52
N PRO A 43 -14.98 10.59 -20.84
CA PRO A 43 -15.99 11.44 -21.46
C PRO A 43 -17.39 10.86 -21.27
N LEU A 44 -18.35 11.74 -21.02
CA LEU A 44 -19.72 11.28 -20.77
C LEU A 44 -20.25 10.46 -21.94
N ALA A 45 -19.95 10.88 -23.18
CA ALA A 45 -20.39 10.13 -24.34
C ALA A 45 -19.75 8.73 -24.40
N LEU A 46 -18.57 8.57 -23.81
CA LEU A 46 -17.96 7.23 -23.74
C LEU A 46 -18.61 6.41 -22.64
N ALA A 47 -18.73 6.96 -21.43
CA ALA A 47 -19.47 6.29 -20.38
C ALA A 47 -20.86 5.89 -20.88
N ASP A 48 -21.49 6.76 -21.68
CA ASP A 48 -22.84 6.47 -22.16
C ASP A 48 -22.86 5.23 -23.04
N GLY A 49 -21.78 4.94 -23.75
CA GLY A 49 -21.75 3.74 -24.55
C GLY A 49 -21.35 2.48 -23.81
N MET A 50 -20.93 2.61 -22.55
CA MET A 50 -20.45 1.50 -21.73
C MET A 50 -21.57 0.82 -20.93
N ILE A 51 -22.37 1.60 -20.19
CA ILE A 51 -23.54 1.08 -19.47
C ILE A 51 -24.79 1.81 -19.93
N GLU A 52 -25.93 1.55 -19.29
CA GLU A 52 -27.21 2.10 -19.71
C GLU A 52 -27.70 3.14 -18.72
N ASN A 53 -28.65 3.96 -19.18
CA ASN A 53 -29.24 5.07 -18.39
C ASN A 53 -28.17 5.95 -17.75
N VAL A 54 -27.05 6.14 -18.45
CA VAL A 54 -25.98 7.00 -17.95
C VAL A 54 -26.48 8.43 -17.81
N PHE A 55 -26.25 9.03 -16.63
CA PHE A 55 -26.55 10.43 -16.44
C PHE A 55 -25.39 11.23 -15.84
N GLY A 56 -24.24 10.59 -15.59
CA GLY A 56 -23.07 11.28 -15.09
C GLY A 56 -21.93 10.32 -14.83
N SER A 57 -21.03 10.66 -13.91
CA SER A 57 -19.93 9.78 -13.53
C SER A 57 -19.71 9.89 -12.02
N PHE A 58 -19.22 8.81 -11.43
CA PHE A 58 -18.98 8.74 -10.00
C PHE A 58 -17.49 8.60 -9.73
N GLU A 59 -16.93 9.53 -8.99
CA GLU A 59 -15.49 9.56 -8.76
C GLU A 59 -15.13 8.77 -7.51
N LEU A 60 -14.06 7.98 -7.60
CA LEU A 60 -13.35 7.43 -6.45
C LEU A 60 -12.00 8.12 -6.31
N PRO A 61 -11.52 8.39 -5.10
CA PRO A 61 -10.13 8.85 -4.95
C PRO A 61 -9.19 7.88 -5.64
N LEU A 62 -8.22 8.43 -6.36
CA LEU A 62 -7.22 7.61 -7.04
C LEU A 62 -5.88 7.87 -6.38
N GLY A 63 -5.38 6.88 -5.64
CA GLY A 63 -4.07 6.93 -5.03
C GLY A 63 -3.12 5.93 -5.68
N VAL A 64 -1.91 5.88 -5.16
CA VAL A 64 -0.90 4.94 -5.64
C VAL A 64 -0.13 4.39 -4.44
N ALA A 65 -0.05 3.07 -4.36
CA ALA A 65 0.79 2.45 -3.36
C ALA A 65 2.22 2.37 -3.89
N GLY A 66 3.19 2.69 -3.03
CA GLY A 66 4.59 2.64 -3.36
C GLY A 66 5.26 1.43 -2.74
N ASN A 67 6.49 1.20 -3.20
CA ASN A 67 7.48 0.29 -2.66
C ASN A 67 7.31 -1.15 -3.14
N PHE A 68 6.24 -1.48 -3.84
CA PHE A 68 6.06 -2.88 -4.23
C PHE A 68 7.15 -3.32 -5.19
N ARG A 69 7.75 -4.47 -4.89
CA ARG A 69 8.76 -5.10 -5.71
C ARG A 69 8.38 -6.56 -5.86
N VAL A 70 8.17 -7.02 -7.10
CA VAL A 70 7.64 -8.34 -7.35
C VAL A 70 8.60 -9.09 -8.28
N ASN A 71 9.10 -10.23 -7.82
CA ASN A 71 10.05 -11.03 -8.61
C ASN A 71 11.21 -10.17 -9.11
N GLY A 72 11.67 -9.26 -8.26
CA GLY A 72 12.83 -8.45 -8.55
C GLY A 72 12.55 -7.19 -9.33
N ARG A 73 11.30 -6.89 -9.64
CA ARG A 73 10.98 -5.72 -10.45
C ARG A 73 10.01 -4.81 -9.71
N ASP A 74 10.40 -3.56 -9.50
CA ASP A 74 9.51 -2.57 -8.90
C ASP A 74 8.27 -2.37 -9.75
N VAL A 75 7.18 -2.04 -9.09
CA VAL A 75 5.94 -1.72 -9.79
C VAL A 75 5.15 -0.74 -8.93
N LEU A 76 4.64 0.31 -9.57
CA LEU A 76 3.72 1.22 -8.90
C LEU A 76 2.30 0.70 -9.02
N VAL A 77 1.52 0.86 -7.96
CA VAL A 77 0.21 0.25 -7.84
C VAL A 77 -0.84 1.35 -7.71
N PRO A 78 -1.57 1.65 -8.77
CA PRO A 78 -2.70 2.56 -8.65
C PRO A 78 -3.84 1.90 -7.88
N MET A 79 -4.54 2.70 -7.08
CA MET A 79 -5.62 2.21 -6.23
C MET A 79 -6.77 3.21 -6.21
N ALA A 80 -7.91 2.82 -6.77
CA ALA A 80 -9.16 3.58 -6.64
C ALA A 80 -10.00 2.98 -5.52
N VAL A 81 -10.13 3.71 -4.41
CA VAL A 81 -10.88 3.27 -3.23
C VAL A 81 -11.33 4.49 -2.41
N GLU A 82 -12.25 4.30 -1.45
CA GLU A 82 -12.77 5.40 -0.65
C GLU A 82 -12.34 5.35 0.82
N GLU A 83 -11.67 4.26 1.26
CA GLU A 83 -11.44 4.00 2.68
C GLU A 83 -10.07 4.48 3.14
N PRO A 84 -9.98 5.21 4.25
CA PRO A 84 -8.67 5.61 4.79
C PRO A 84 -7.82 4.41 5.21
N SER A 85 -6.51 4.65 5.22
CA SER A 85 -5.47 3.77 5.74
C SER A 85 -5.08 2.65 4.78
N VAL A 86 -5.93 2.35 3.80
CA VAL A 86 -5.69 1.18 2.95
C VAL A 86 -4.42 1.38 2.13
N VAL A 87 -4.35 2.49 1.39
CA VAL A 87 -3.20 2.73 0.52
C VAL A 87 -1.94 2.84 1.35
N ALA A 88 -2.01 3.53 2.49
CA ALA A 88 -0.84 3.71 3.33
C ALA A 88 -0.34 2.38 3.88
N ALA A 89 -1.26 1.50 4.30
CA ALA A 89 -0.83 0.21 4.84
C ALA A 89 -0.16 -0.64 3.76
N ALA A 90 -0.75 -0.67 2.56
CA ALA A 90 -0.13 -1.40 1.45
C ALA A 90 1.29 -0.89 1.20
N SER A 91 1.47 0.43 1.15
CA SER A 91 2.80 0.98 0.88
C SER A 91 3.77 0.59 1.97
N TYR A 92 3.35 0.74 3.22
CA TYR A 92 4.25 0.52 4.34
C TYR A 92 4.66 -0.95 4.42
N MET A 93 3.71 -1.87 4.25
CA MET A 93 4.06 -3.29 4.26
C MET A 93 4.93 -3.66 3.07
N ALA A 94 4.74 -2.98 1.94
CA ALA A 94 5.60 -3.22 0.80
C ALA A 94 7.02 -2.75 1.08
N LYS A 95 7.18 -1.67 1.85
CA LYS A 95 8.50 -1.20 2.24
C LYS A 95 9.19 -2.20 3.15
N LEU A 96 8.45 -2.77 4.10
CA LEU A 96 9.04 -3.82 4.92
C LEU A 96 9.44 -5.02 4.06
N ALA A 97 8.57 -5.42 3.12
CA ALA A 97 8.87 -6.56 2.26
C ALA A 97 10.10 -6.32 1.40
N ARG A 98 10.43 -5.07 1.07
CA ARG A 98 11.62 -4.79 0.28
C ARG A 98 12.88 -5.33 0.96
N GLU A 99 12.91 -5.38 2.29
CA GLU A 99 14.14 -5.74 2.98
C GLU A 99 14.58 -7.18 2.70
N ASP A 100 13.64 -8.08 2.42
CA ASP A 100 13.98 -9.43 1.96
C ASP A 100 14.04 -9.54 0.44
N GLY A 101 13.85 -8.44 -0.28
CA GLY A 101 13.89 -8.44 -1.73
C GLY A 101 12.55 -8.29 -2.39
N GLY A 102 11.49 -8.07 -1.62
CA GLY A 102 10.16 -7.93 -2.15
C GLY A 102 9.38 -9.21 -2.11
N PHE A 103 8.33 -9.26 -2.92
CA PHE A 103 7.46 -10.43 -3.01
C PHE A 103 7.94 -11.36 -4.12
N GLN A 104 7.73 -12.66 -3.90
CA GLN A 104 7.99 -13.68 -4.91
C GLN A 104 6.65 -14.28 -5.31
N THR A 105 6.36 -14.26 -6.61
CA THR A 105 5.05 -14.64 -7.12
C THR A 105 5.19 -15.66 -8.23
N SER A 106 4.08 -16.30 -8.53
CA SER A 106 3.96 -17.17 -9.69
C SER A 106 2.49 -17.37 -9.95
N SER A 107 2.17 -17.97 -11.09
CA SER A 107 0.78 -18.19 -11.44
C SER A 107 0.65 -19.39 -12.36
N THR A 108 -0.56 -19.91 -12.47
CA THR A 108 -0.85 -20.92 -13.46
C THR A 108 -1.04 -20.22 -14.81
N LEU A 109 -1.29 -21.02 -15.85
CA LEU A 109 -1.68 -20.48 -17.14
C LEU A 109 -3.05 -19.81 -17.03
N PRO A 110 -3.36 -18.86 -17.95
CA PRO A 110 -4.65 -18.13 -17.84
C PRO A 110 -5.83 -18.97 -18.31
N LEU A 111 -6.17 -20.00 -17.53
CA LEU A 111 -7.18 -20.99 -17.88
C LEU A 111 -8.52 -20.64 -17.24
N MET A 112 -9.53 -20.38 -18.07
CA MET A 112 -10.90 -20.14 -17.61
C MET A 112 -11.78 -21.35 -17.92
N ARG A 113 -12.78 -21.58 -17.06
CA ARG A 113 -13.76 -22.63 -17.29
C ARG A 113 -15.00 -22.06 -17.97
N ALA A 114 -15.50 -22.77 -18.98
CA ALA A 114 -16.77 -22.46 -19.61
C ALA A 114 -17.68 -23.66 -19.39
N GLN A 115 -18.83 -23.43 -18.76
CA GLN A 115 -19.73 -24.50 -18.41
C GLN A 115 -20.82 -24.64 -19.46
N VAL A 116 -21.19 -25.89 -19.75
CA VAL A 116 -22.22 -26.23 -20.72
C VAL A 116 -23.15 -27.23 -20.03
N GLN A 117 -24.35 -26.78 -19.66
CA GLN A 117 -25.30 -27.56 -18.86
C GLN A 117 -26.21 -28.36 -19.79
N VAL A 118 -26.16 -29.69 -19.68
CA VAL A 118 -26.96 -30.56 -20.53
C VAL A 118 -28.03 -31.22 -19.69
N LEU A 119 -29.27 -31.08 -20.12
CA LEU A 119 -30.42 -31.63 -19.40
C LEU A 119 -31.06 -32.75 -20.21
N GLY A 120 -31.83 -33.58 -19.51
CA GLY A 120 -32.60 -34.62 -20.17
C GLY A 120 -31.83 -35.84 -20.63
N VAL A 121 -30.57 -36.01 -20.23
CA VAL A 121 -29.79 -37.20 -20.56
C VAL A 121 -30.12 -38.28 -19.53
N THR A 122 -30.76 -39.36 -19.97
CA THR A 122 -31.10 -40.44 -19.05
C THR A 122 -29.89 -41.28 -18.62
N ASP A 123 -28.81 -41.31 -19.42
CA ASP A 123 -27.59 -42.02 -19.06
C ASP A 123 -26.42 -41.04 -18.95
N PRO A 124 -26.47 -40.10 -18.00
CA PRO A 124 -25.39 -39.10 -17.94
C PRO A 124 -23.99 -39.69 -17.75
N HIS A 125 -23.84 -40.74 -16.94
CA HIS A 125 -22.52 -41.36 -16.79
C HIS A 125 -21.99 -41.88 -18.12
N GLY A 126 -22.78 -42.69 -18.81
CA GLY A 126 -22.39 -43.12 -20.14
C GLY A 126 -22.12 -41.97 -21.08
N ALA A 127 -23.02 -40.98 -21.10
CA ALA A 127 -22.82 -39.85 -22.01
C ALA A 127 -21.54 -39.10 -21.67
N ARG A 128 -21.22 -39.00 -20.38
CA ARG A 128 -19.95 -38.37 -20.02
C ARG A 128 -18.79 -39.05 -20.74
N LEU A 129 -18.78 -40.38 -20.74
CA LEU A 129 -17.68 -41.09 -21.39
C LEU A 129 -17.64 -40.80 -22.87
N ALA A 130 -18.82 -40.72 -23.52
CA ALA A 130 -18.88 -40.39 -24.93
C ALA A 130 -18.33 -38.99 -25.20
N VAL A 131 -18.73 -38.00 -24.40
CA VAL A 131 -18.19 -36.65 -24.56
C VAL A 131 -16.67 -36.65 -24.45
N LEU A 132 -16.13 -37.31 -23.42
CA LEU A 132 -14.69 -37.33 -23.21
C LEU A 132 -13.97 -38.00 -24.37
N GLN A 133 -14.55 -39.08 -24.91
CA GLN A 133 -13.98 -39.72 -26.09
C GLN A 133 -13.91 -38.77 -27.27
N ALA A 134 -14.93 -37.91 -27.43
CA ALA A 134 -14.99 -36.98 -28.55
C ALA A 134 -14.32 -35.65 -28.24
N ARG A 135 -13.37 -35.61 -27.31
CA ARG A 135 -12.92 -34.32 -26.83
C ARG A 135 -12.20 -33.54 -27.92
N ALA A 136 -11.35 -34.20 -28.71
CA ALA A 136 -10.64 -33.52 -29.80
C ALA A 136 -11.61 -32.78 -30.71
N GLN A 137 -12.75 -33.40 -31.02
CA GLN A 137 -13.73 -32.76 -31.89
C GLN A 137 -14.36 -31.54 -31.21
N ILE A 138 -14.64 -31.65 -29.91
CA ILE A 138 -15.23 -30.53 -29.17
C ILE A 138 -14.23 -29.37 -29.07
N ILE A 139 -12.97 -29.69 -28.86
CA ILE A 139 -11.94 -28.66 -28.75
C ILE A 139 -11.76 -27.95 -30.09
N GLU A 140 -11.74 -28.72 -31.18
CA GLU A 140 -11.69 -28.14 -32.52
C GLU A 140 -12.87 -27.20 -32.74
N ARG A 141 -14.09 -27.68 -32.47
CA ARG A 141 -15.28 -26.85 -32.66
C ARG A 141 -15.21 -25.58 -31.82
N ALA A 142 -14.68 -25.66 -30.61
CA ALA A 142 -14.61 -24.48 -29.76
C ALA A 142 -13.62 -23.45 -30.31
N ASN A 143 -12.63 -23.87 -31.10
CA ASN A 143 -11.50 -23.02 -31.46
C ASN A 143 -11.59 -22.43 -32.86
N SER A 144 -12.67 -22.71 -33.59
CA SER A 144 -12.76 -22.31 -34.98
C SER A 144 -13.03 -20.81 -35.17
N ARG A 145 -13.57 -20.10 -34.19
CA ARG A 145 -13.98 -18.73 -34.45
C ARG A 145 -12.96 -17.68 -34.01
N ASP A 146 -12.37 -17.78 -32.81
CA ASP A 146 -11.56 -16.70 -32.25
C ASP A 146 -10.14 -16.73 -32.82
N LYS A 147 -10.01 -16.28 -34.08
CA LYS A 147 -8.71 -16.36 -34.75
C LYS A 147 -7.64 -15.61 -33.98
N VAL A 148 -7.99 -14.45 -33.43
CA VAL A 148 -7.00 -13.62 -32.74
C VAL A 148 -6.46 -14.35 -31.52
N LEU A 149 -7.34 -14.93 -30.70
CA LEU A 149 -6.91 -15.64 -29.50
C LEU A 149 -6.07 -16.87 -29.85
N ILE A 150 -6.50 -17.64 -30.86
CA ILE A 150 -5.73 -18.81 -31.30
C ILE A 150 -4.37 -18.40 -31.81
N GLY A 151 -4.34 -17.36 -32.67
CA GLY A 151 -3.09 -16.87 -33.20
C GLY A 151 -2.12 -16.46 -32.12
N LEU A 152 -2.64 -16.10 -30.94
CA LEU A 152 -1.78 -15.78 -29.81
C LEU A 152 -1.37 -17.01 -29.00
N GLY A 153 -1.91 -18.18 -29.34
CA GLY A 153 -1.61 -19.39 -28.59
C GLY A 153 -2.60 -19.73 -27.51
N GLY A 154 -3.69 -18.97 -27.37
CA GLY A 154 -4.80 -19.35 -26.53
C GLY A 154 -5.81 -20.20 -27.26
N GLY A 155 -6.97 -20.37 -26.65
CA GLY A 155 -8.00 -21.26 -27.16
C GLY A 155 -8.29 -22.40 -26.19
N CYS A 156 -9.28 -23.21 -26.57
CA CYS A 156 -9.69 -24.33 -25.74
C CYS A 156 -8.60 -25.40 -25.74
N LYS A 157 -8.08 -25.73 -24.55
CA LYS A 157 -7.01 -26.70 -24.40
C LYS A 157 -7.48 -28.05 -23.87
N ASP A 158 -8.62 -28.10 -23.18
CA ASP A 158 -9.06 -29.35 -22.58
C ASP A 158 -10.54 -29.22 -22.24
N ILE A 159 -11.13 -30.37 -21.90
CA ILE A 159 -12.52 -30.40 -21.47
C ILE A 159 -12.62 -31.30 -20.25
N GLU A 160 -13.60 -31.01 -19.39
CA GLU A 160 -13.96 -31.83 -18.25
C GLU A 160 -15.47 -32.05 -18.32
N VAL A 161 -15.94 -33.11 -17.66
CA VAL A 161 -17.37 -33.41 -17.60
C VAL A 161 -17.69 -33.81 -16.16
N HIS A 162 -18.65 -33.12 -15.56
CA HIS A 162 -19.10 -33.42 -14.20
C HIS A 162 -20.57 -33.77 -14.26
N VAL A 163 -20.95 -34.85 -13.58
CA VAL A 163 -22.29 -35.41 -13.65
C VAL A 163 -22.97 -35.23 -12.29
N PHE A 164 -24.20 -34.70 -12.32
CA PHE A 164 -25.09 -34.58 -11.16
C PHE A 164 -26.30 -35.44 -11.50
N PRO A 165 -26.33 -36.71 -11.07
CA PRO A 165 -27.34 -37.64 -11.59
C PRO A 165 -28.70 -37.56 -10.92
N ASP A 166 -28.83 -36.82 -9.81
CA ASP A 166 -30.08 -36.74 -9.05
C ASP A 166 -30.29 -35.30 -8.60
N THR A 167 -31.14 -34.56 -9.32
CA THR A 167 -31.51 -33.20 -8.96
C THR A 167 -33.00 -33.05 -9.16
N PRO A 168 -33.62 -32.06 -8.51
CA PRO A 168 -35.05 -31.79 -8.75
C PRO A 168 -35.40 -31.53 -10.19
N ARG A 169 -34.44 -31.18 -11.03
CA ARG A 169 -34.68 -30.96 -12.45
C ARG A 169 -34.24 -32.15 -13.29
N GLY A 170 -33.95 -33.28 -12.66
CA GLY A 170 -33.42 -34.43 -13.36
C GLY A 170 -31.91 -34.36 -13.44
N PRO A 171 -31.30 -35.33 -14.11
CA PRO A 171 -29.83 -35.37 -14.17
C PRO A 171 -29.30 -34.20 -14.97
N MET A 172 -28.14 -33.70 -14.54
CA MET A 172 -27.40 -32.68 -15.26
C MET A 172 -26.02 -33.20 -15.61
N LEU A 173 -25.67 -33.09 -16.89
CA LEU A 173 -24.32 -33.33 -17.36
C LEU A 173 -23.72 -31.97 -17.69
N VAL A 174 -22.56 -31.66 -17.10
CA VAL A 174 -21.98 -30.33 -17.18
C VAL A 174 -20.59 -30.44 -17.79
N VAL A 175 -20.44 -29.94 -19.02
CA VAL A 175 -19.14 -29.87 -19.70
C VAL A 175 -18.44 -28.59 -19.28
N HIS A 176 -17.17 -28.71 -18.89
CA HIS A 176 -16.28 -27.56 -18.67
C HIS A 176 -15.27 -27.51 -19.83
N LEU A 177 -15.29 -26.43 -20.60
CA LEU A 177 -14.22 -26.16 -21.55
C LEU A 177 -13.10 -25.47 -20.79
N ILE A 178 -11.88 -25.98 -20.89
CA ILE A 178 -10.73 -25.37 -20.24
C ILE A 178 -10.04 -24.52 -21.30
N VAL A 179 -10.14 -23.20 -21.16
CA VAL A 179 -9.78 -22.27 -22.23
C VAL A 179 -8.67 -21.36 -21.75
N ASP A 180 -7.57 -21.33 -22.50
CA ASP A 180 -6.55 -20.32 -22.28
C ASP A 180 -7.01 -19.03 -22.93
N VAL A 181 -7.12 -17.97 -22.13
CA VAL A 181 -7.63 -16.68 -22.59
C VAL A 181 -6.54 -15.62 -22.62
N ARG A 182 -5.28 -16.04 -22.54
CA ARG A 182 -4.13 -15.16 -22.67
C ARG A 182 -4.22 -13.95 -21.75
N ASP A 183 -4.41 -12.76 -22.31
CA ASP A 183 -4.35 -11.52 -21.55
C ASP A 183 -5.72 -10.93 -21.28
N ALA A 184 -6.78 -11.64 -21.62
CA ALA A 184 -8.13 -11.18 -21.30
C ALA A 184 -8.59 -11.79 -19.98
N MET A 185 -9.57 -11.12 -19.36
CA MET A 185 -10.27 -11.75 -18.25
C MET A 185 -10.96 -13.03 -18.69
N GLY A 186 -11.66 -12.97 -19.84
CA GLY A 186 -12.04 -14.16 -20.58
C GLY A 186 -13.50 -14.48 -20.59
N ALA A 187 -14.34 -13.75 -19.86
CA ALA A 187 -15.74 -14.13 -19.73
C ALA A 187 -16.42 -14.23 -21.09
N ASN A 188 -16.47 -13.11 -21.83
CA ASN A 188 -17.15 -13.12 -23.14
C ASN A 188 -16.49 -14.10 -24.09
N THR A 189 -15.14 -14.14 -24.05
CA THR A 189 -14.35 -15.04 -24.90
C THR A 189 -14.82 -16.48 -24.75
N VAL A 190 -15.05 -16.89 -23.52
CA VAL A 190 -15.33 -18.28 -23.22
C VAL A 190 -16.82 -18.59 -23.36
N ASN A 191 -17.69 -17.61 -23.07
CA ASN A 191 -19.12 -17.76 -23.29
C ASN A 191 -19.41 -18.11 -24.75
N THR A 192 -18.73 -17.43 -25.68
CA THR A 192 -18.96 -17.69 -27.09
C THR A 192 -18.60 -19.12 -27.46
N MET A 193 -17.49 -19.64 -26.91
CA MET A 193 -17.13 -21.02 -27.20
C MET A 193 -18.15 -21.98 -26.61
N ALA A 194 -18.63 -21.70 -25.40
CA ALA A 194 -19.66 -22.58 -24.83
C ALA A 194 -20.90 -22.61 -25.72
N GLU A 195 -21.32 -21.45 -26.22
CA GLU A 195 -22.45 -21.39 -27.15
C GLU A 195 -22.15 -22.13 -28.44
N SER A 196 -20.90 -22.05 -28.93
CA SER A 196 -20.54 -22.67 -30.20
C SER A 196 -20.55 -24.20 -30.15
N VAL A 197 -20.16 -24.79 -29.00
CA VAL A 197 -20.10 -26.24 -28.93
C VAL A 197 -21.43 -26.87 -28.62
N ALA A 198 -22.48 -26.08 -28.38
CA ALA A 198 -23.72 -26.62 -27.86
C ALA A 198 -24.41 -27.59 -28.82
N PRO A 199 -24.53 -27.32 -30.12
CA PRO A 199 -25.17 -28.32 -31.00
C PRO A 199 -24.41 -29.64 -31.02
N LEU A 200 -23.08 -29.58 -30.99
CA LEU A 200 -22.29 -30.80 -31.04
C LEU A 200 -22.44 -31.59 -29.73
N VAL A 201 -22.46 -30.88 -28.60
CA VAL A 201 -22.67 -31.54 -27.30
C VAL A 201 -24.07 -32.16 -27.24
N GLU A 202 -25.07 -31.49 -27.81
CA GLU A 202 -26.41 -32.06 -27.84
C GLU A 202 -26.45 -33.33 -28.67
N LYS A 203 -25.78 -33.32 -29.83
CA LYS A 203 -25.77 -34.51 -30.69
C LYS A 203 -25.11 -35.70 -29.98
N ILE A 204 -23.96 -35.46 -29.32
CA ILE A 204 -23.23 -36.53 -28.66
C ILE A 204 -24.01 -37.09 -27.48
N THR A 205 -24.61 -36.20 -26.67
CA THR A 205 -25.29 -36.64 -25.47
C THR A 205 -26.75 -36.98 -25.71
N GLY A 206 -27.34 -36.46 -26.78
CA GLY A 206 -28.78 -36.58 -26.92
C GLY A 206 -29.57 -35.82 -25.88
N GLY A 207 -28.97 -34.83 -25.23
CA GLY A 207 -29.66 -33.98 -24.30
C GLY A 207 -29.94 -32.60 -24.86
N SER A 208 -30.42 -31.73 -23.96
CA SER A 208 -30.73 -30.34 -24.26
C SER A 208 -29.82 -29.43 -23.46
N VAL A 209 -29.06 -28.60 -24.16
CA VAL A 209 -28.17 -27.63 -23.52
C VAL A 209 -29.03 -26.47 -23.00
N ARG A 210 -28.81 -26.09 -21.74
CA ARG A 210 -29.49 -24.96 -21.15
C ARG A 210 -28.46 -23.84 -21.02
N LEU A 211 -27.75 -23.73 -19.91
CA LEU A 211 -26.84 -22.62 -19.70
C LEU A 211 -25.49 -22.84 -20.38
N ARG A 212 -25.00 -21.79 -21.04
CA ARG A 212 -23.64 -21.73 -21.59
C ARG A 212 -22.97 -20.51 -20.96
N ILE A 213 -22.00 -20.72 -20.07
CA ILE A 213 -21.57 -19.62 -19.22
C ILE A 213 -20.26 -19.98 -18.54
N LEU A 214 -19.38 -18.99 -18.42
CA LEU A 214 -18.13 -19.18 -17.68
C LEU A 214 -18.44 -19.49 -16.22
N SER A 215 -17.46 -20.07 -15.54
CA SER A 215 -17.49 -20.17 -14.09
C SER A 215 -16.59 -19.08 -13.53
N ASN A 216 -17.14 -18.30 -12.59
CA ASN A 216 -16.34 -17.34 -11.86
C ASN A 216 -15.47 -17.99 -10.80
N LEU A 217 -15.68 -19.27 -10.49
CA LEU A 217 -14.80 -19.98 -9.56
C LEU A 217 -13.61 -20.46 -10.40
N ALA A 218 -12.71 -19.51 -10.68
CA ALA A 218 -11.65 -19.72 -11.65
C ALA A 218 -10.40 -20.31 -10.99
N ASP A 219 -10.58 -21.51 -10.43
CA ASP A 219 -9.54 -22.17 -9.65
C ASP A 219 -8.49 -22.83 -10.52
N LEU A 220 -8.55 -22.64 -11.84
CA LEU A 220 -7.47 -23.03 -12.73
C LEU A 220 -6.69 -21.83 -13.22
N ARG A 221 -7.03 -20.64 -12.77
CA ARG A 221 -6.29 -19.42 -13.05
C ARG A 221 -5.90 -18.83 -11.70
N LEU A 222 -4.87 -19.40 -11.08
CA LEU A 222 -4.47 -19.01 -9.74
C LEU A 222 -3.23 -18.13 -9.78
N ALA A 223 -3.22 -17.11 -8.92
CA ALA A 223 -2.05 -16.31 -8.65
C ALA A 223 -1.52 -16.65 -7.26
N ARG A 224 -0.19 -16.73 -7.13
CA ARG A 224 0.44 -17.09 -5.87
C ARG A 224 1.50 -16.06 -5.51
N ALA A 225 1.59 -15.74 -4.22
CA ALA A 225 2.58 -14.78 -3.78
C ALA A 225 3.07 -15.14 -2.40
N ARG A 226 4.30 -14.75 -2.10
N ARG A 226 4.34 -14.86 -2.12
CA ARG A 226 5.01 -15.13 -0.89
CA ARG A 226 4.91 -15.12 -0.81
C ARG A 226 5.86 -13.96 -0.43
C ARG A 226 5.85 -13.98 -0.42
N VAL A 227 5.91 -13.74 0.89
CA VAL A 227 6.75 -12.70 1.47
C VAL A 227 7.42 -13.28 2.72
N ARG A 228 8.60 -12.75 3.04
CA ARG A 228 9.35 -13.14 4.22
C ARG A 228 9.81 -11.89 4.96
N LEU A 229 9.69 -11.88 6.28
CA LEU A 229 10.13 -10.75 7.09
C LEU A 229 10.79 -11.27 8.35
N THR A 230 12.03 -10.85 8.57
CA THR A 230 12.78 -11.23 9.76
C THR A 230 12.27 -10.47 10.98
N PRO A 231 12.62 -10.92 12.18
CA PRO A 231 12.28 -10.10 13.36
C PRO A 231 12.93 -8.73 13.32
N GLN A 232 14.15 -8.65 12.77
CA GLN A 232 14.83 -7.36 12.67
C GLN A 232 14.00 -6.39 11.87
N THR A 233 13.44 -6.86 10.74
CA THR A 233 12.62 -6.01 9.89
C THR A 233 11.35 -5.57 10.61
N LEU A 234 10.78 -6.44 11.44
CA LEU A 234 9.51 -6.13 12.08
C LEU A 234 9.67 -5.40 13.41
N ALA A 235 10.85 -5.42 14.00
CA ALA A 235 11.06 -4.80 15.31
C ALA A 235 10.73 -3.31 15.27
N THR A 236 10.02 -2.83 16.28
CA THR A 236 9.82 -1.40 16.47
C THR A 236 10.51 -0.96 17.75
N GLN A 237 10.25 0.30 18.13
CA GLN A 237 10.89 0.85 19.33
C GLN A 237 10.30 0.25 20.60
N ASP A 238 9.00 -0.04 20.62
CA ASP A 238 8.33 -0.51 21.81
C ASP A 238 8.02 -2.01 21.81
N ARG A 239 8.09 -2.68 20.66
CA ARG A 239 7.84 -4.11 20.57
C ARG A 239 8.95 -4.77 19.76
N SER A 240 9.34 -5.97 20.18
CA SER A 240 10.39 -6.70 19.46
C SER A 240 9.83 -7.33 18.21
N GLY A 241 10.71 -7.55 17.23
CA GLY A 241 10.28 -8.26 16.03
C GLY A 241 9.65 -9.61 16.35
N GLU A 242 10.25 -10.35 17.30
CA GLU A 242 9.74 -11.67 17.68
C GLU A 242 8.34 -11.58 18.26
N GLU A 243 8.11 -10.57 19.12
CA GLU A 243 6.79 -10.41 19.75
C GLU A 243 5.73 -10.10 18.70
N ILE A 244 6.03 -9.20 17.77
CA ILE A 244 5.11 -8.89 16.67
C ILE A 244 4.78 -10.14 15.87
N ILE A 245 5.79 -11.00 15.64
CA ILE A 245 5.61 -12.17 14.81
C ILE A 245 4.65 -13.15 15.47
N GLU A 246 4.83 -13.41 16.78
CA GLU A 246 3.92 -14.29 17.49
C GLU A 246 2.49 -13.74 17.48
N GLY A 247 2.35 -12.42 17.62
CA GLY A 247 1.03 -11.83 17.53
C GLY A 247 0.40 -11.96 16.17
N VAL A 248 1.21 -11.90 15.09
CA VAL A 248 0.64 -12.08 13.76
C VAL A 248 0.13 -13.51 13.60
N LEU A 249 0.90 -14.50 14.09
CA LEU A 249 0.45 -15.88 14.00
C LEU A 249 -0.80 -16.12 14.83
N ASP A 250 -0.90 -15.47 16.00
CA ASP A 250 -2.14 -15.52 16.77
C ASP A 250 -3.31 -15.04 15.94
N ALA A 251 -3.13 -13.91 15.25
CA ALA A 251 -4.21 -13.34 14.44
C ALA A 251 -4.55 -14.25 13.26
N TYR A 252 -3.53 -14.80 12.60
CA TYR A 252 -3.80 -15.63 11.44
C TYR A 252 -4.60 -16.87 11.82
N THR A 253 -4.13 -17.61 12.83
CA THR A 253 -4.80 -18.84 13.23
C THR A 253 -6.27 -18.59 13.57
N PHE A 254 -6.55 -17.44 14.18
CA PHE A 254 -7.93 -17.03 14.45
C PHE A 254 -8.76 -16.99 13.16
N ALA A 255 -8.21 -16.42 12.08
CA ALA A 255 -8.89 -16.47 10.79
C ALA A 255 -8.96 -17.89 10.23
N ALA A 256 -7.92 -18.70 10.44
CA ALA A 256 -7.90 -20.05 9.89
C ALA A 256 -9.02 -20.93 10.45
N ILE A 257 -9.40 -20.72 11.71
CA ILE A 257 -10.34 -21.64 12.37
C ILE A 257 -11.74 -21.06 12.54
N ASP A 258 -11.96 -19.77 12.31
CA ASP A 258 -13.23 -19.12 12.62
C ASP A 258 -13.73 -18.33 11.42
N PRO A 259 -14.81 -18.77 10.76
CA PRO A 259 -15.28 -18.02 9.60
C PRO A 259 -15.71 -16.60 9.92
N TYR A 260 -16.16 -16.33 11.15
CA TYR A 260 -16.48 -14.96 11.53
C TYR A 260 -15.26 -14.05 11.43
N ARG A 261 -14.07 -14.58 11.75
CA ARG A 261 -12.86 -13.80 11.60
C ARG A 261 -12.32 -13.86 10.17
N ALA A 262 -12.42 -15.04 9.55
CA ALA A 262 -11.90 -15.20 8.20
C ALA A 262 -12.58 -14.23 7.23
N ALA A 263 -13.90 -14.07 7.35
CA ALA A 263 -14.60 -13.13 6.49
C ALA A 263 -13.96 -11.74 6.57
N THR A 264 -13.67 -11.30 7.80
CA THR A 264 -13.06 -9.99 8.00
C THR A 264 -11.64 -9.97 7.48
N HIS A 265 -10.86 -11.01 7.82
CA HIS A 265 -9.49 -11.19 7.36
C HIS A 265 -9.42 -11.14 5.83
N ASN A 266 -10.28 -11.89 5.15
CA ASN A 266 -10.29 -11.90 3.69
C ASN A 266 -10.81 -10.57 3.13
N LYS A 267 -11.66 -9.87 3.88
CA LYS A 267 -12.11 -8.56 3.41
C LYS A 267 -10.94 -7.60 3.30
N GLY A 268 -10.02 -7.67 4.27
CA GLY A 268 -8.87 -6.79 4.24
C GLY A 268 -7.94 -7.11 3.07
N ILE A 269 -7.84 -8.39 2.72
CA ILE A 269 -7.14 -8.76 1.49
C ILE A 269 -7.77 -8.04 0.30
N MET A 270 -9.11 -8.02 0.24
CA MET A 270 -9.75 -7.45 -0.94
C MET A 270 -9.72 -5.92 -0.93
N ASN A 271 -9.54 -5.29 0.25
CA ASN A 271 -9.15 -3.89 0.27
C ASN A 271 -7.92 -3.64 -0.59
N GLY A 272 -6.97 -4.57 -0.57
CA GLY A 272 -5.77 -4.40 -1.37
C GLY A 272 -6.04 -4.63 -2.84
N ILE A 273 -6.78 -5.71 -3.14
CA ILE A 273 -6.89 -6.18 -4.51
C ILE A 273 -7.91 -5.36 -5.33
N ASP A 274 -9.11 -5.17 -4.81
CA ASP A 274 -10.17 -4.50 -5.58
C ASP A 274 -9.77 -3.13 -6.10
N PRO A 275 -9.12 -2.26 -5.33
CA PRO A 275 -8.73 -0.95 -5.89
C PRO A 275 -7.82 -1.05 -7.12
N VAL A 276 -6.94 -2.04 -7.20
CA VAL A 276 -6.13 -2.27 -8.41
C VAL A 276 -7.02 -2.77 -9.55
N ILE A 277 -8.04 -3.55 -9.22
CA ILE A 277 -8.92 -4.08 -10.24
C ILE A 277 -9.75 -2.95 -10.86
N VAL A 278 -10.28 -2.06 -10.02
CA VAL A 278 -11.07 -0.94 -10.53
C VAL A 278 -10.19 0.01 -11.33
N ALA A 279 -9.03 0.39 -10.78
CA ALA A 279 -8.20 1.41 -11.41
C ALA A 279 -7.70 0.96 -12.78
N THR A 280 -7.60 -0.35 -13.02
CA THR A 280 -7.17 -0.88 -14.31
C THR A 280 -8.34 -1.28 -15.21
N GLY A 281 -9.57 -0.89 -14.86
CA GLY A 281 -10.73 -1.14 -15.69
C GLY A 281 -11.25 -2.56 -15.68
N ASN A 282 -10.86 -3.36 -14.68
CA ASN A 282 -11.28 -4.75 -14.62
C ASN A 282 -12.57 -4.90 -13.81
N ASP A 283 -13.28 -6.01 -14.05
CA ASP A 283 -14.50 -6.38 -13.34
C ASP A 283 -14.17 -6.81 -11.92
N TRP A 284 -14.54 -5.98 -10.94
CA TRP A 284 -14.21 -6.30 -9.56
C TRP A 284 -15.19 -7.31 -8.96
N ARG A 285 -16.44 -7.36 -9.43
CA ARG A 285 -17.36 -8.38 -8.95
C ARG A 285 -16.82 -9.77 -9.27
N ALA A 286 -16.20 -9.93 -10.44
CA ALA A 286 -15.68 -11.23 -10.85
C ALA A 286 -14.51 -11.69 -9.98
N VAL A 287 -13.64 -10.75 -9.61
CA VAL A 287 -12.50 -11.09 -8.76
C VAL A 287 -12.97 -11.36 -7.34
N GLU A 288 -13.95 -10.60 -6.86
CA GLU A 288 -14.51 -10.83 -5.53
C GLU A 288 -15.15 -12.21 -5.44
N ALA A 289 -15.96 -12.57 -6.45
CA ALA A 289 -16.63 -13.86 -6.44
C ALA A 289 -15.61 -15.00 -6.43
N GLY A 290 -14.62 -14.95 -7.31
CA GLY A 290 -13.63 -16.01 -7.35
C GLY A 290 -12.87 -16.16 -6.04
N ALA A 291 -12.51 -15.04 -5.42
CA ALA A 291 -11.71 -15.11 -4.20
C ALA A 291 -12.50 -15.74 -3.06
N HIS A 292 -13.71 -15.25 -2.81
CA HIS A 292 -14.44 -15.72 -1.65
C HIS A 292 -14.97 -17.13 -1.86
N ALA A 293 -15.26 -17.52 -3.11
CA ALA A 293 -15.70 -18.88 -3.36
C ALA A 293 -14.57 -19.87 -3.14
N TYR A 294 -13.39 -19.51 -3.63
CA TYR A 294 -12.19 -20.30 -3.37
C TYR A 294 -11.92 -20.44 -1.88
N ALA A 295 -12.26 -19.42 -1.09
CA ALA A 295 -11.97 -19.45 0.34
C ALA A 295 -12.76 -20.52 1.07
N SER A 296 -13.81 -21.09 0.45
CA SER A 296 -14.62 -22.14 1.06
C SER A 296 -14.45 -23.50 0.38
N ARG A 297 -13.45 -23.65 -0.49
CA ARG A 297 -13.26 -24.92 -1.18
C ARG A 297 -13.03 -26.08 -0.21
N SER A 298 -12.70 -25.81 1.04
CA SER A 298 -12.37 -26.83 2.02
C SER A 298 -13.59 -27.40 2.71
N GLY A 299 -14.77 -26.83 2.48
CA GLY A 299 -15.95 -27.14 3.24
C GLY A 299 -16.26 -26.13 4.32
N SER A 300 -15.35 -25.21 4.58
CA SER A 300 -15.51 -24.21 5.62
C SER A 300 -14.90 -22.92 5.12
N TYR A 301 -15.59 -21.80 5.31
CA TYR A 301 -15.06 -20.51 4.85
C TYR A 301 -13.83 -20.15 5.69
N THR A 302 -12.67 -19.97 5.05
CA THR A 302 -11.46 -19.76 5.83
C THR A 302 -10.52 -18.78 5.13
N SER A 303 -9.35 -18.59 5.74
CA SER A 303 -8.37 -17.62 5.28
C SER A 303 -7.83 -17.95 3.89
N LEU A 304 -7.72 -16.93 3.03
CA LEU A 304 -7.03 -17.14 1.77
C LEU A 304 -5.51 -17.11 1.91
N THR A 305 -4.98 -16.59 3.02
CA THR A 305 -3.54 -16.52 3.24
C THR A 305 -3.12 -17.54 4.29
N ARG A 306 -1.80 -17.72 4.40
CA ARG A 306 -1.18 -18.56 5.42
C ARG A 306 0.02 -17.81 5.97
N TRP A 307 0.18 -17.81 7.28
CA TRP A 307 1.28 -17.13 7.93
C TRP A 307 2.05 -18.12 8.79
N GLU A 308 3.37 -18.16 8.65
CA GLU A 308 4.20 -19.19 9.28
C GLU A 308 5.55 -18.60 9.66
N LYS A 309 6.35 -19.43 10.33
CA LYS A 309 7.74 -19.10 10.61
C LYS A 309 8.64 -20.04 9.84
N ASP A 310 9.75 -19.52 9.32
CA ASP A 310 10.70 -20.43 8.69
C ASP A 310 11.63 -20.99 9.77
N ALA A 311 12.58 -21.82 9.35
CA ALA A 311 13.48 -22.47 10.31
C ALA A 311 14.10 -21.47 11.28
N GLY A 312 14.51 -20.31 10.78
CA GLY A 312 15.18 -19.29 11.55
C GLY A 312 14.32 -18.25 12.24
N GLY A 313 12.98 -18.41 12.20
CA GLY A 313 12.10 -17.54 12.95
C GLY A 313 11.53 -16.38 12.17
N ALA A 314 11.81 -16.29 10.87
CA ALA A 314 11.27 -15.24 10.04
C ALA A 314 9.80 -15.52 9.74
N LEU A 315 9.04 -14.44 9.60
CA LEU A 315 7.63 -14.55 9.23
C LEU A 315 7.51 -14.82 7.75
N VAL A 316 6.76 -15.84 7.37
CA VAL A 316 6.52 -16.15 5.97
C VAL A 316 5.01 -16.15 5.74
N GLY A 317 4.57 -15.28 4.82
CA GLY A 317 3.18 -15.24 4.40
C GLY A 317 3.04 -15.73 2.96
N SER A 318 1.91 -16.38 2.69
CA SER A 318 1.66 -16.91 1.37
C SER A 318 0.19 -16.73 1.05
N ILE A 319 -0.10 -16.60 -0.24
CA ILE A 319 -1.47 -16.44 -0.71
C ILE A 319 -1.63 -17.20 -2.01
N GLU A 320 -2.83 -17.73 -2.21
CA GLU A 320 -3.18 -18.40 -3.46
C GLU A 320 -4.67 -18.20 -3.69
N LEU A 321 -5.05 -17.71 -4.89
CA LEU A 321 -6.44 -17.41 -5.17
C LEU A 321 -6.65 -17.21 -6.67
N PRO A 322 -7.87 -17.44 -7.16
CA PRO A 322 -8.16 -17.16 -8.57
C PRO A 322 -7.96 -15.68 -8.84
N MET A 323 -7.45 -15.37 -10.02
CA MET A 323 -7.17 -13.99 -10.40
C MET A 323 -7.55 -13.79 -11.86
N PRO A 324 -8.86 -13.76 -12.17
CA PRO A 324 -9.30 -13.51 -13.55
C PRO A 324 -9.29 -12.03 -13.89
N VAL A 325 -8.25 -11.60 -14.59
CA VAL A 325 -8.03 -10.20 -14.90
C VAL A 325 -7.51 -10.10 -16.34
N GLY A 326 -7.51 -8.89 -16.89
CA GLY A 326 -7.04 -8.69 -18.24
C GLY A 326 -6.22 -7.42 -18.40
N LEU A 327 -5.29 -7.46 -19.36
CA LEU A 327 -4.77 -6.24 -19.96
C LEU A 327 -5.55 -5.81 -21.19
N VAL A 328 -6.41 -6.68 -21.73
CA VAL A 328 -7.27 -6.33 -22.86
C VAL A 328 -8.68 -6.81 -22.53
N GLY A 329 -9.65 -6.32 -23.30
CA GLY A 329 -11.02 -6.74 -23.12
C GLY A 329 -11.74 -5.90 -22.06
N GLY A 330 -13.07 -5.99 -22.10
CA GLY A 330 -13.89 -5.21 -21.18
C GLY A 330 -13.59 -3.74 -21.28
N ALA A 331 -13.42 -3.11 -20.12
CA ALA A 331 -13.06 -1.69 -20.03
C ALA A 331 -11.57 -1.43 -19.92
N THR A 332 -10.72 -2.47 -19.93
CA THR A 332 -9.31 -2.30 -19.58
C THR A 332 -8.57 -1.36 -20.52
N LYS A 333 -9.02 -1.28 -21.77
CA LYS A 333 -8.41 -0.40 -22.75
C LYS A 333 -9.37 0.67 -23.25
N THR A 334 -10.59 0.73 -22.70
CA THR A 334 -11.58 1.71 -23.09
C THR A 334 -11.58 2.94 -22.19
N HIS A 335 -11.54 2.73 -20.87
CA HIS A 335 -11.46 3.83 -19.93
C HIS A 335 -10.07 4.43 -20.00
N PRO A 336 -9.94 5.73 -20.28
CA PRO A 336 -8.60 6.33 -20.47
C PRO A 336 -7.69 6.22 -19.25
N LEU A 337 -8.26 6.24 -18.04
CA LEU A 337 -7.44 6.11 -16.85
C LEU A 337 -7.03 4.66 -16.58
N ALA A 338 -7.86 3.69 -17.00
CA ALA A 338 -7.45 2.30 -16.94
C ALA A 338 -6.27 2.03 -17.87
N ARG A 339 -6.36 2.52 -19.12
CA ARG A 339 -5.19 2.52 -20.01
C ARG A 339 -3.99 3.16 -19.33
N LEU A 340 -4.21 4.29 -18.66
CA LEU A 340 -3.09 4.99 -18.04
C LEU A 340 -2.56 4.23 -16.82
N ALA A 341 -3.46 3.71 -16.00
CA ALA A 341 -3.03 2.97 -14.82
C ALA A 341 -2.18 1.74 -15.21
N LEU A 342 -2.64 1.01 -16.23
CA LEU A 342 -1.89 -0.15 -16.72
C LEU A 342 -0.55 0.26 -17.32
N LYS A 343 -0.47 1.44 -17.92
CA LYS A 343 0.82 1.94 -18.41
C LYS A 343 1.75 2.30 -17.26
N ILE A 344 1.19 2.83 -16.16
CA ILE A 344 2.02 3.11 -14.98
C ILE A 344 2.61 1.81 -14.46
N MET A 345 1.81 0.74 -14.42
CA MET A 345 2.30 -0.53 -13.91
C MET A 345 3.26 -1.20 -14.89
N ASP A 346 3.07 -0.98 -16.20
CA ASP A 346 4.00 -1.40 -17.25
C ASP A 346 4.20 -2.92 -17.26
N LEU A 347 3.14 -3.61 -17.71
CA LEU A 347 3.06 -5.05 -17.59
C LEU A 347 3.00 -5.71 -18.97
N GLN A 348 3.50 -6.94 -19.04
CA GLN A 348 3.55 -7.71 -20.28
C GLN A 348 2.43 -8.73 -20.40
N SER A 349 1.93 -9.28 -19.30
CA SER A 349 0.86 -10.28 -19.38
C SER A 349 -0.17 -10.02 -18.30
N ALA A 350 -1.37 -10.58 -18.49
CA ALA A 350 -2.39 -10.52 -17.46
C ALA A 350 -1.98 -11.34 -16.24
N GLN A 351 -1.19 -12.40 -16.44
CA GLN A 351 -0.64 -13.15 -15.32
C GLN A 351 0.17 -12.25 -14.41
N GLN A 352 1.02 -11.41 -15.00
CA GLN A 352 1.79 -10.46 -14.22
C GLN A 352 0.88 -9.59 -13.37
N LEU A 353 -0.18 -9.03 -13.98
CA LEU A 353 -1.11 -8.23 -13.20
C LEU A 353 -1.72 -9.07 -12.07
N GLY A 354 -2.04 -10.33 -12.36
CA GLY A 354 -2.59 -11.19 -11.33
C GLY A 354 -1.62 -11.46 -10.21
N GLU A 355 -0.33 -11.67 -10.54
CA GLU A 355 0.64 -11.92 -9.49
C GLU A 355 0.88 -10.67 -8.65
N ILE A 356 0.88 -9.50 -9.29
CA ILE A 356 1.01 -8.27 -8.51
C ILE A 356 -0.21 -8.07 -7.61
N ALA A 357 -1.41 -8.35 -8.12
CA ALA A 357 -2.60 -8.25 -7.27
C ALA A 357 -2.49 -9.17 -6.06
N ALA A 358 -2.06 -10.43 -6.26
CA ALA A 358 -1.90 -11.35 -5.14
C ALA A 358 -0.92 -10.80 -4.10
N ALA A 359 0.16 -10.17 -4.56
CA ALA A 359 1.14 -9.61 -3.62
C ALA A 359 0.55 -8.45 -2.83
N VAL A 360 -0.22 -7.58 -3.53
CA VAL A 360 -0.86 -6.44 -2.88
C VAL A 360 -1.84 -6.91 -1.82
N GLY A 361 -2.57 -8.00 -2.11
CA GLY A 361 -3.50 -8.52 -1.14
C GLY A 361 -2.79 -9.06 0.09
N LEU A 362 -1.68 -9.76 -0.12
CA LEU A 362 -0.93 -10.34 0.98
C LEU A 362 -0.38 -9.25 1.88
N ALA A 363 0.18 -8.18 1.28
CA ALA A 363 0.69 -7.06 2.06
C ALA A 363 -0.44 -6.37 2.81
N GLN A 364 -1.61 -6.25 2.18
CA GLN A 364 -2.72 -5.62 2.85
C GLN A 364 -3.16 -6.44 4.06
N ASN A 365 -3.22 -7.75 3.89
CA ASN A 365 -3.54 -8.64 5.00
C ASN A 365 -2.53 -8.52 6.12
N LEU A 366 -1.24 -8.46 5.76
CA LEU A 366 -0.20 -8.30 6.76
C LEU A 366 -0.38 -6.99 7.52
N GLY A 367 -0.67 -5.91 6.81
CA GLY A 367 -0.85 -4.62 7.46
C GLY A 367 -1.94 -4.66 8.52
N ALA A 368 -3.06 -5.32 8.22
CA ALA A 368 -4.11 -5.48 9.21
C ALA A 368 -3.65 -6.34 10.39
N LEU A 369 -3.05 -7.49 10.11
CA LEU A 369 -2.66 -8.39 11.19
C LEU A 369 -1.64 -7.74 12.10
N ARG A 370 -0.68 -7.02 11.50
CA ARG A 370 0.31 -6.30 12.32
C ARG A 370 -0.38 -5.28 13.22
N ALA A 371 -1.17 -4.39 12.61
CA ALA A 371 -1.90 -3.38 13.37
C ALA A 371 -2.80 -3.99 14.44
N LEU A 372 -3.59 -5.00 14.08
CA LEU A 372 -4.54 -5.55 15.05
C LEU A 372 -3.82 -6.27 16.19
N ALA A 373 -2.65 -6.85 15.94
CA ALA A 373 -1.91 -7.49 17.04
C ALA A 373 -1.04 -6.50 17.84
N THR A 374 -0.51 -5.43 17.21
CA THR A 374 0.19 -4.38 17.96
C THR A 374 -0.71 -3.65 18.96
N GLU A 375 -1.94 -3.28 18.55
CA GLU A 375 -2.63 -2.20 19.26
C GLU A 375 -2.83 -2.53 20.74
N GLY A 376 -2.51 -1.55 21.59
CA GLY A 376 -2.48 -1.79 23.02
C GLY A 376 -3.86 -1.77 23.63
N ILE A 377 -3.96 -2.35 24.83
CA ILE A 377 -5.23 -2.41 25.54
C ILE A 377 -5.43 -1.17 26.42
N VAL B 2 -46.88 9.29 -4.87
CA VAL B 2 -46.16 10.49 -5.28
C VAL B 2 -44.80 10.13 -5.93
N ALA B 3 -44.03 9.24 -5.29
CA ALA B 3 -42.73 8.84 -5.83
C ALA B 3 -42.93 7.97 -7.06
N ASP B 4 -42.20 8.29 -8.13
CA ASP B 4 -42.34 7.61 -9.41
C ASP B 4 -40.96 7.19 -9.88
N SER B 5 -40.78 5.90 -10.14
CA SER B 5 -39.49 5.38 -10.57
C SER B 5 -39.47 4.99 -12.03
N ARG B 6 -40.55 5.25 -12.76
CA ARG B 6 -40.57 4.95 -14.19
C ARG B 6 -39.77 6.00 -14.95
N LEU B 7 -38.91 5.54 -15.86
CA LEU B 7 -38.06 6.43 -16.66
C LEU B 7 -38.48 6.37 -18.13
N PRO B 8 -39.53 7.11 -18.51
CA PRO B 8 -40.08 6.96 -19.87
C PRO B 8 -39.09 7.45 -20.92
N ASN B 9 -38.88 6.62 -21.95
CA ASN B 9 -38.03 6.92 -23.11
C ASN B 9 -36.56 7.11 -22.74
N PHE B 10 -36.11 6.60 -21.60
CA PHE B 10 -34.75 6.93 -21.17
C PHE B 10 -33.70 6.40 -22.13
N ARG B 11 -33.98 5.29 -22.82
CA ARG B 11 -33.05 4.80 -23.84
C ARG B 11 -32.75 5.89 -24.87
N ALA B 12 -33.78 6.66 -25.27
CA ALA B 12 -33.63 7.65 -26.32
C ALA B 12 -33.07 8.98 -25.83
N LEU B 13 -32.87 9.17 -24.53
CA LEU B 13 -32.42 10.46 -24.02
C LEU B 13 -30.90 10.50 -23.94
N THR B 14 -30.35 11.71 -24.06
CA THR B 14 -28.94 11.92 -23.83
C THR B 14 -28.67 11.99 -22.33
N PRO B 15 -27.44 11.72 -21.90
CA PRO B 15 -27.10 11.87 -20.47
C PRO B 15 -27.59 13.17 -19.85
N ALA B 16 -27.44 14.28 -20.58
CA ALA B 16 -27.90 15.58 -20.08
C ALA B 16 -29.39 15.57 -19.83
N GLN B 17 -30.16 14.98 -20.76
CA GLN B 17 -31.60 14.97 -20.61
C GLN B 17 -32.02 14.07 -19.46
N ARG B 18 -31.41 12.89 -19.35
CA ARG B 18 -31.62 12.02 -18.20
C ARG B 18 -31.34 12.76 -16.89
N ARG B 19 -30.21 13.46 -16.84
CA ARG B 19 -29.86 14.26 -15.68
C ARG B 19 -30.97 15.26 -15.35
N ASP B 20 -31.36 16.08 -16.33
CA ASP B 20 -32.38 17.09 -16.07
C ASP B 20 -33.69 16.44 -15.63
N PHE B 21 -34.04 15.29 -16.21
CA PHE B 21 -35.23 14.57 -15.77
C PHE B 21 -35.10 14.15 -14.31
N LEU B 22 -33.95 13.57 -13.94
CA LEU B 22 -33.73 13.14 -12.57
C LEU B 22 -33.84 14.31 -11.61
N ALA B 23 -33.24 15.44 -11.96
CA ALA B 23 -33.31 16.63 -11.12
C ALA B 23 -34.76 17.03 -10.84
N ASP B 24 -35.58 17.13 -11.89
CA ASP B 24 -36.98 17.53 -11.70
C ASP B 24 -37.75 16.50 -10.89
N ALA B 25 -37.66 15.23 -11.29
CA ALA B 25 -38.39 14.19 -10.59
C ALA B 25 -38.02 14.12 -9.12
N CYS B 26 -36.78 14.46 -8.77
CA CYS B 26 -36.32 14.35 -7.39
C CYS B 26 -36.32 15.69 -6.66
N GLY B 27 -36.78 16.75 -7.31
CA GLY B 27 -36.74 18.06 -6.69
C GLY B 27 -35.37 18.47 -6.20
N LEU B 28 -34.35 18.30 -7.04
CA LEU B 28 -33.00 18.68 -6.65
C LEU B 28 -32.84 20.20 -6.70
N SER B 29 -31.98 20.71 -5.83
CA SER B 29 -31.63 22.13 -5.88
C SER B 29 -30.81 22.43 -7.13
N ASP B 30 -30.75 23.72 -7.47
CA ASP B 30 -29.86 24.15 -8.56
C ASP B 30 -28.41 23.81 -8.24
N ALA B 31 -28.01 23.93 -6.98
CA ALA B 31 -26.67 23.50 -6.59
C ALA B 31 -26.47 22.01 -6.84
N GLU B 32 -27.50 21.19 -6.56
CA GLU B 32 -27.38 19.76 -6.80
C GLU B 32 -27.37 19.44 -8.28
N ARG B 33 -28.21 20.14 -9.06
CA ARG B 33 -28.27 19.89 -10.50
C ARG B 33 -26.95 20.28 -11.17
N ALA B 34 -26.35 21.38 -10.71
CA ALA B 34 -25.06 21.83 -11.24
C ALA B 34 -23.97 20.82 -10.96
N LEU B 35 -23.95 20.29 -9.73
CA LEU B 35 -22.95 19.29 -9.36
C LEU B 35 -23.01 18.09 -10.29
N LEU B 36 -24.19 17.73 -10.76
CA LEU B 36 -24.30 16.71 -11.79
C LEU B 36 -23.89 17.23 -13.16
N ALA B 37 -23.98 18.54 -13.39
CA ALA B 37 -23.74 19.07 -14.73
C ALA B 37 -22.28 18.99 -15.12
N ALA B 38 -21.38 19.00 -14.15
CA ALA B 38 -19.98 19.08 -14.47
C ALA B 38 -19.22 17.90 -13.87
N PRO B 39 -18.16 17.43 -14.52
CA PRO B 39 -17.27 16.46 -13.89
C PRO B 39 -16.59 17.07 -12.67
N GLY B 40 -16.01 16.23 -11.84
CA GLY B 40 -15.31 16.73 -10.67
C GLY B 40 -16.20 17.04 -9.48
N ALA B 41 -17.31 16.31 -9.32
CA ALA B 41 -18.12 16.44 -8.12
C ALA B 41 -17.35 16.09 -6.86
N LEU B 42 -16.25 15.34 -6.97
CA LEU B 42 -15.39 15.04 -5.84
C LEU B 42 -14.14 15.90 -5.95
N PRO B 43 -14.12 17.08 -5.34
CA PRO B 43 -12.94 17.93 -5.42
C PRO B 43 -11.70 17.18 -4.98
N LEU B 44 -10.61 17.44 -5.70
CA LEU B 44 -9.34 16.76 -5.44
C LEU B 44 -8.89 16.93 -4.00
N ALA B 45 -9.05 18.13 -3.44
CA ALA B 45 -8.66 18.36 -2.06
C ALA B 45 -9.52 17.53 -1.11
N LEU B 46 -10.74 17.21 -1.50
CA LEU B 46 -11.61 16.36 -0.69
C LEU B 46 -11.21 14.90 -0.82
N ALA B 47 -10.98 14.44 -2.05
CA ALA B 47 -10.37 13.13 -2.28
C ALA B 47 -9.09 12.99 -1.48
N ASP B 48 -8.28 14.06 -1.44
CA ASP B 48 -7.00 14.03 -0.75
C ASP B 48 -7.14 13.67 0.73
N GLY B 49 -8.30 13.99 1.33
CA GLY B 49 -8.54 13.64 2.71
C GLY B 49 -9.15 12.28 2.94
N MET B 50 -9.57 11.59 1.87
CA MET B 50 -10.25 10.31 2.01
C MET B 50 -9.27 9.14 2.07
N ILE B 51 -8.38 9.03 1.10
CA ILE B 51 -7.36 7.99 1.11
C ILE B 51 -6.00 8.66 0.98
N GLU B 52 -4.95 7.86 1.12
CA GLU B 52 -3.59 8.36 1.10
C GLU B 52 -3.03 8.37 -0.32
N ASN B 53 -2.03 9.21 -0.52
CA ASN B 53 -1.23 9.22 -1.75
C ASN B 53 -2.08 9.54 -2.97
N VAL B 54 -3.05 10.43 -2.79
CA VAL B 54 -3.98 10.79 -3.87
C VAL B 54 -3.25 11.57 -4.95
N PHE B 55 -3.43 11.16 -6.21
CA PHE B 55 -2.96 11.99 -7.32
C PHE B 55 -4.04 12.27 -8.37
N GLY B 56 -5.30 11.97 -8.07
CA GLY B 56 -6.38 12.21 -9.01
C GLY B 56 -7.64 11.51 -8.55
N SER B 57 -8.59 11.34 -9.47
CA SER B 57 -9.81 10.60 -9.16
C SER B 57 -10.15 9.72 -10.35
N PHE B 58 -10.88 8.63 -10.09
CA PHE B 58 -11.17 7.63 -11.10
C PHE B 58 -12.68 7.52 -11.25
N GLU B 59 -13.17 7.73 -12.46
CA GLU B 59 -14.60 7.82 -12.69
C GLU B 59 -15.16 6.46 -13.10
N LEU B 60 -16.25 6.07 -12.45
CA LEU B 60 -17.09 5.00 -12.97
C LEU B 60 -18.29 5.60 -13.67
N PRO B 61 -18.77 4.97 -14.75
CA PRO B 61 -20.05 5.37 -15.32
C PRO B 61 -21.12 5.34 -14.25
N LEU B 62 -21.97 6.36 -14.23
CA LEU B 62 -23.07 6.45 -13.26
C LEU B 62 -24.39 6.41 -14.02
N GLY B 63 -25.11 5.30 -13.89
CA GLY B 63 -26.44 5.17 -14.45
C GLY B 63 -27.52 5.13 -13.37
N VAL B 64 -28.77 5.03 -13.81
CA VAL B 64 -29.88 4.86 -12.89
C VAL B 64 -30.77 3.73 -13.38
N ALA B 65 -31.09 2.79 -12.49
CA ALA B 65 -32.05 1.75 -12.79
C ALA B 65 -33.45 2.27 -12.45
N GLY B 66 -34.39 2.14 -13.40
CA GLY B 66 -35.76 2.56 -13.16
C GLY B 66 -36.68 1.38 -12.88
N ASN B 67 -37.93 1.71 -12.53
CA ASN B 67 -39.08 0.83 -12.36
C ASN B 67 -39.12 0.13 -11.00
N PHE B 68 -38.11 0.28 -10.15
CA PHE B 68 -38.08 -0.48 -8.91
C PHE B 68 -39.18 0.00 -7.96
N ARG B 69 -39.81 -0.95 -7.29
CA ARG B 69 -40.87 -0.62 -6.35
C ARG B 69 -40.72 -1.57 -5.18
N VAL B 70 -40.51 -1.03 -3.98
CA VAL B 70 -40.16 -1.82 -2.82
C VAL B 70 -41.15 -1.53 -1.70
N ASN B 71 -41.86 -2.57 -1.26
CA ASN B 71 -42.89 -2.43 -0.24
C ASN B 71 -43.86 -1.30 -0.61
N GLY B 72 -44.24 -1.25 -1.88
CA GLY B 72 -45.22 -0.28 -2.36
C GLY B 72 -44.71 1.12 -2.63
N ARG B 73 -43.40 1.35 -2.56
CA ARG B 73 -42.84 2.67 -2.79
C ARG B 73 -41.89 2.62 -3.98
N ASP B 74 -42.06 3.54 -4.92
CA ASP B 74 -41.12 3.67 -6.02
C ASP B 74 -39.80 4.24 -5.51
N VAL B 75 -38.71 3.77 -6.09
CA VAL B 75 -37.38 4.28 -5.70
C VAL B 75 -36.47 4.17 -6.90
N LEU B 76 -35.82 5.28 -7.23
CA LEU B 76 -34.79 5.28 -8.25
C LEU B 76 -33.47 4.80 -7.63
N VAL B 77 -32.71 4.04 -8.41
CA VAL B 77 -31.52 3.35 -7.90
C VAL B 77 -30.32 3.80 -8.72
N PRO B 78 -29.50 4.70 -8.21
CA PRO B 78 -28.24 5.02 -8.90
C PRO B 78 -27.28 3.84 -8.85
N MET B 79 -26.48 3.69 -9.91
CA MET B 79 -25.64 2.51 -10.09
C MET B 79 -24.32 2.91 -10.72
N ALA B 80 -23.23 2.75 -9.99
CA ALA B 80 -21.91 3.07 -10.53
C ALA B 80 -21.22 1.75 -10.88
N VAL B 81 -21.05 1.49 -12.17
CA VAL B 81 -20.44 0.25 -12.65
C VAL B 81 -19.89 0.45 -14.06
N GLU B 82 -19.00 -0.45 -14.49
CA GLU B 82 -18.31 -0.31 -15.76
C GLU B 82 -18.73 -1.34 -16.80
N GLU B 83 -19.50 -2.37 -16.41
CA GLU B 83 -19.87 -3.51 -17.25
C GLU B 83 -21.18 -3.24 -18.01
N PRO B 84 -21.24 -3.53 -19.31
CA PRO B 84 -22.48 -3.32 -20.07
C PRO B 84 -23.60 -4.22 -19.58
N SER B 85 -24.83 -3.75 -19.79
CA SER B 85 -26.10 -4.45 -19.66
C SER B 85 -26.54 -4.64 -18.22
N VAL B 86 -25.69 -4.35 -17.23
CA VAL B 86 -26.06 -4.57 -15.82
C VAL B 86 -27.23 -3.66 -15.44
N VAL B 87 -27.09 -2.35 -15.71
CA VAL B 87 -28.16 -1.40 -15.40
C VAL B 87 -29.44 -1.74 -16.16
N ALA B 88 -29.30 -2.19 -17.41
CA ALA B 88 -30.49 -2.48 -18.21
C ALA B 88 -31.26 -3.70 -17.67
N ALA B 89 -30.53 -4.76 -17.27
CA ALA B 89 -31.20 -5.94 -16.74
C ALA B 89 -31.96 -5.62 -15.46
N ALA B 90 -31.35 -4.84 -14.58
CA ALA B 90 -32.02 -4.46 -13.35
C ALA B 90 -33.34 -3.75 -13.64
N SER B 91 -33.29 -2.76 -14.55
CA SER B 91 -34.48 -1.97 -14.88
C SER B 91 -35.56 -2.83 -15.51
N TYR B 92 -35.19 -3.67 -16.48
CA TYR B 92 -36.19 -4.48 -17.16
C TYR B 92 -36.85 -5.48 -16.22
N MET B 93 -36.07 -6.16 -15.37
CA MET B 93 -36.69 -7.09 -14.43
C MET B 93 -37.53 -6.35 -13.39
N ALA B 94 -37.04 -5.19 -12.94
CA ALA B 94 -37.86 -4.37 -12.05
C ALA B 94 -39.19 -4.00 -12.71
N LYS B 95 -39.16 -3.75 -14.03
CA LYS B 95 -40.39 -3.43 -14.74
C LYS B 95 -41.36 -4.61 -14.73
N LEU B 96 -40.88 -5.80 -15.10
CA LEU B 96 -41.71 -7.00 -14.96
C LEU B 96 -42.18 -7.18 -13.53
N ALA B 97 -41.34 -6.83 -12.55
CA ALA B 97 -41.70 -7.00 -11.15
C ALA B 97 -42.89 -6.12 -10.74
N ARG B 98 -43.13 -5.00 -11.46
CA ARG B 98 -44.21 -4.09 -11.07
C ARG B 98 -45.58 -4.70 -11.30
N GLU B 99 -45.68 -5.62 -12.26
CA GLU B 99 -46.96 -6.26 -12.56
C GLU B 99 -47.57 -6.92 -11.34
N ASP B 100 -46.77 -7.60 -10.53
CA ASP B 100 -47.25 -8.16 -9.27
C ASP B 100 -47.13 -7.15 -8.13
N GLY B 101 -46.76 -5.92 -8.41
CA GLY B 101 -46.68 -4.91 -7.37
C GLY B 101 -45.29 -4.57 -6.88
N GLY B 102 -44.24 -5.04 -7.56
CA GLY B 102 -42.90 -4.69 -7.13
C GLY B 102 -42.33 -5.74 -6.20
N PHE B 103 -41.40 -5.35 -5.34
CA PHE B 103 -40.73 -6.29 -4.45
C PHE B 103 -41.24 -6.11 -3.03
N GLN B 104 -41.27 -7.22 -2.28
CA GLN B 104 -41.58 -7.20 -0.86
C GLN B 104 -40.31 -7.54 -0.10
N THR B 105 -39.95 -6.71 0.88
CA THR B 105 -38.67 -6.82 1.55
C THR B 105 -38.86 -6.65 3.06
N SER B 106 -37.84 -7.08 3.80
CA SER B 106 -37.76 -6.82 5.22
C SER B 106 -36.31 -7.00 5.63
N SER B 107 -36.01 -6.67 6.88
CA SER B 107 -34.68 -6.93 7.39
C SER B 107 -34.74 -7.23 8.88
N THR B 108 -33.62 -7.71 9.42
CA THR B 108 -33.41 -7.87 10.84
C THR B 108 -33.04 -6.52 11.43
N LEU B 109 -32.88 -6.47 12.75
CA LEU B 109 -32.32 -5.29 13.36
C LEU B 109 -30.90 -5.04 12.82
N PRO B 110 -30.40 -3.79 12.90
CA PRO B 110 -29.02 -3.53 12.41
C PRO B 110 -27.96 -3.95 13.41
N LEU B 111 -27.85 -5.27 13.62
CA LEU B 111 -26.95 -5.84 14.62
C LEU B 111 -25.61 -6.23 14.00
N MET B 112 -24.52 -5.67 14.53
CA MET B 112 -23.18 -6.03 14.10
C MET B 112 -22.43 -6.74 15.23
N ARG B 113 -21.53 -7.64 14.83
CA ARG B 113 -20.70 -8.40 15.76
C ARG B 113 -19.33 -7.72 15.91
N ALA B 114 -18.88 -7.55 17.15
CA ALA B 114 -17.50 -7.20 17.47
C ALA B 114 -16.86 -8.39 18.17
N GLN B 115 -15.70 -8.83 17.66
CA GLN B 115 -15.00 -9.98 18.23
C GLN B 115 -13.86 -9.52 19.14
N VAL B 116 -13.78 -10.16 20.30
CA VAL B 116 -12.71 -9.94 21.29
C VAL B 116 -12.02 -11.30 21.48
N GLN B 117 -10.83 -11.47 20.86
CA GLN B 117 -10.07 -12.72 20.91
C GLN B 117 -9.25 -12.80 22.20
N VAL B 118 -9.49 -13.81 23.03
CA VAL B 118 -8.80 -13.97 24.32
C VAL B 118 -7.91 -15.20 24.28
N LEU B 119 -6.61 -15.01 24.45
CA LEU B 119 -5.63 -16.09 24.44
C LEU B 119 -5.11 -16.36 25.86
N GLY B 120 -4.44 -17.50 26.00
CA GLY B 120 -3.80 -17.85 27.26
C GLY B 120 -4.72 -18.32 28.38
N VAL B 121 -6.00 -18.56 28.12
CA VAL B 121 -6.91 -19.09 29.14
C VAL B 121 -6.80 -20.63 29.13
N THR B 122 -6.42 -21.23 30.25
CA THR B 122 -6.27 -22.68 30.22
C THR B 122 -7.58 -23.42 30.44
N ASP B 123 -8.59 -22.78 31.04
CA ASP B 123 -9.92 -23.34 31.20
C ASP B 123 -10.92 -22.52 30.39
N PRO B 124 -10.84 -22.56 29.05
CA PRO B 124 -11.71 -21.69 28.23
C PRO B 124 -13.21 -21.94 28.40
N HIS B 125 -13.63 -23.20 28.48
CA HIS B 125 -15.03 -23.52 28.77
C HIS B 125 -15.48 -22.89 30.07
N GLY B 126 -14.74 -23.13 31.16
CA GLY B 126 -15.13 -22.55 32.43
C GLY B 126 -15.14 -21.04 32.38
N ALA B 127 -14.17 -20.45 31.68
CA ALA B 127 -14.09 -18.99 31.65
C ALA B 127 -15.17 -18.38 30.76
N ARG B 128 -15.60 -19.11 29.73
CA ARG B 128 -16.76 -18.67 28.95
C ARG B 128 -17.97 -18.49 29.86
N LEU B 129 -18.24 -19.47 30.75
CA LEU B 129 -19.39 -19.34 31.65
C LEU B 129 -19.22 -18.17 32.61
N ALA B 130 -17.98 -17.84 33.00
CA ALA B 130 -17.78 -16.65 33.82
C ALA B 130 -18.10 -15.38 33.04
N VAL B 131 -17.71 -15.33 31.76
CA VAL B 131 -18.00 -14.17 30.94
C VAL B 131 -19.50 -14.03 30.73
N LEU B 132 -20.18 -15.14 30.40
CA LEU B 132 -21.62 -15.09 30.19
C LEU B 132 -22.35 -14.67 31.47
N GLN B 133 -21.88 -15.14 32.62
CA GLN B 133 -22.47 -14.69 33.88
C GLN B 133 -22.31 -13.18 34.04
N ALA B 134 -21.17 -12.62 33.63
CA ALA B 134 -20.90 -11.20 33.73
C ALA B 134 -21.49 -10.39 32.56
N ARG B 135 -22.49 -10.95 31.87
CA ARG B 135 -23.09 -10.34 30.68
C ARG B 135 -23.46 -8.87 30.88
N ALA B 136 -24.22 -8.55 31.94
CA ALA B 136 -24.69 -7.18 32.11
C ALA B 136 -23.53 -6.21 32.34
N GLN B 137 -22.56 -6.59 33.17
CA GLN B 137 -21.43 -5.70 33.42
C GLN B 137 -20.68 -5.41 32.12
N ILE B 138 -20.50 -6.44 31.27
CA ILE B 138 -19.78 -6.25 30.02
C ILE B 138 -20.57 -5.35 29.07
N ILE B 139 -21.87 -5.59 28.95
CA ILE B 139 -22.72 -4.78 28.07
C ILE B 139 -22.68 -3.32 28.50
N GLU B 140 -22.80 -3.05 29.81
CA GLU B 140 -22.75 -1.69 30.31
C GLU B 140 -21.42 -1.03 29.98
N ARG B 141 -20.32 -1.79 30.10
CA ARG B 141 -19.02 -1.26 29.72
C ARG B 141 -19.00 -0.87 28.25
N ALA B 142 -19.53 -1.74 27.39
CA ALA B 142 -19.52 -1.45 25.95
C ALA B 142 -20.31 -0.19 25.63
N ASN B 143 -21.33 0.13 26.42
CA ASN B 143 -22.22 1.23 26.12
C ASN B 143 -21.88 2.51 26.86
N SER B 144 -20.70 2.59 27.47
CA SER B 144 -20.41 3.71 28.34
C SER B 144 -19.91 4.95 27.61
N ARG B 145 -19.50 4.83 26.36
CA ARG B 145 -18.89 5.94 25.65
C ARG B 145 -19.78 6.57 24.59
N ASP B 146 -20.49 5.77 23.78
CA ASP B 146 -21.24 6.30 22.63
C ASP B 146 -22.63 6.73 23.11
N LYS B 147 -22.74 7.99 23.53
CA LYS B 147 -24.00 8.50 24.07
C LYS B 147 -24.99 8.80 22.95
N VAL B 148 -24.49 9.21 21.78
CA VAL B 148 -25.38 9.49 20.67
C VAL B 148 -26.07 8.21 20.21
N LEU B 149 -25.32 7.11 20.08
CA LEU B 149 -25.93 5.87 19.62
C LEU B 149 -26.94 5.33 20.63
N ILE B 150 -26.61 5.32 21.92
CA ILE B 150 -27.56 4.84 22.92
C ILE B 150 -28.84 5.66 22.86
N GLY B 151 -28.70 6.98 22.71
CA GLY B 151 -29.87 7.84 22.63
C GLY B 151 -30.75 7.56 21.44
N LEU B 152 -30.19 6.98 20.38
CA LEU B 152 -30.99 6.65 19.20
C LEU B 152 -31.71 5.32 19.32
N GLY B 153 -31.39 4.51 20.34
CA GLY B 153 -31.98 3.21 20.49
C GLY B 153 -31.03 2.07 20.22
N GLY B 154 -29.82 2.36 19.70
CA GLY B 154 -28.82 1.34 19.45
C GLY B 154 -27.90 1.13 20.65
N GLY B 155 -26.84 0.38 20.41
CA GLY B 155 -25.89 0.02 21.44
C GLY B 155 -25.75 -1.48 21.56
N CYS B 156 -24.82 -1.87 22.43
CA CYS B 156 -24.59 -3.29 22.66
C CYS B 156 -25.81 -3.89 23.35
N LYS B 157 -26.41 -4.90 22.72
CA LYS B 157 -27.65 -5.52 23.14
C LYS B 157 -27.45 -6.88 23.79
N ASP B 158 -26.38 -7.59 23.44
CA ASP B 158 -26.18 -8.95 23.91
C ASP B 158 -24.72 -9.29 23.71
N ILE B 159 -24.31 -10.46 24.23
CA ILE B 159 -22.99 -11.02 23.94
C ILE B 159 -23.11 -12.51 23.62
N GLU B 160 -22.08 -13.02 22.96
CA GLU B 160 -21.89 -14.43 22.74
C GLU B 160 -20.44 -14.74 23.06
N VAL B 161 -20.17 -15.99 23.40
CA VAL B 161 -18.82 -16.47 23.62
C VAL B 161 -18.66 -17.78 22.87
N HIS B 162 -17.58 -17.90 22.12
CA HIS B 162 -17.28 -19.12 21.39
C HIS B 162 -15.87 -19.57 21.74
N VAL B 163 -15.72 -20.86 22.01
CA VAL B 163 -14.46 -21.41 22.48
C VAL B 163 -13.87 -22.29 21.39
N PHE B 164 -12.59 -22.08 21.09
CA PHE B 164 -11.81 -22.96 20.21
C PHE B 164 -10.72 -23.58 21.07
N PRO B 165 -10.96 -24.75 21.70
CA PRO B 165 -10.06 -25.24 22.74
C PRO B 165 -8.76 -25.84 22.24
N ASP B 166 -8.67 -26.19 20.95
CA ASP B 166 -7.49 -26.88 20.44
C ASP B 166 -7.00 -26.17 19.17
N THR B 167 -6.08 -25.22 19.33
CA THR B 167 -5.48 -24.60 18.15
C THR B 167 -3.97 -24.54 18.30
N PRO B 168 -3.24 -24.50 17.19
CA PRO B 168 -1.78 -24.38 17.24
C PRO B 168 -1.29 -23.19 18.03
N ARG B 169 -2.12 -22.19 18.30
CA ARG B 169 -1.73 -21.07 19.14
C ARG B 169 -2.26 -21.20 20.56
N GLY B 170 -2.82 -22.36 20.93
CA GLY B 170 -3.42 -22.56 22.22
C GLY B 170 -4.93 -22.35 22.15
N PRO B 171 -5.62 -22.45 23.28
CA PRO B 171 -7.08 -22.29 23.25
C PRO B 171 -7.46 -20.84 23.02
N MET B 172 -8.54 -20.63 22.28
CA MET B 172 -9.07 -19.30 22.00
C MET B 172 -10.50 -19.18 22.50
N LEU B 173 -10.76 -18.13 23.27
CA LEU B 173 -12.10 -17.76 23.70
C LEU B 173 -12.43 -16.43 23.03
N VAL B 174 -13.53 -16.40 22.29
CA VAL B 174 -13.88 -15.26 21.43
C VAL B 174 -15.23 -14.73 21.89
N VAL B 175 -15.22 -13.55 22.50
CA VAL B 175 -16.47 -12.87 22.86
C VAL B 175 -16.98 -12.09 21.66
N HIS B 176 -18.25 -12.26 21.33
CA HIS B 176 -18.90 -11.42 20.34
C HIS B 176 -19.79 -10.42 21.07
N LEU B 177 -19.53 -9.14 20.85
CA LEU B 177 -20.48 -8.09 21.20
C LEU B 177 -21.52 -7.97 20.09
N ILE B 178 -22.79 -8.00 20.46
CA ILE B 178 -23.88 -7.87 19.51
C ILE B 178 -24.42 -6.46 19.65
N VAL B 179 -24.11 -5.58 18.69
CA VAL B 179 -24.36 -4.15 18.80
C VAL B 179 -25.32 -3.70 17.73
N ASP B 180 -26.41 -3.06 18.15
CA ASP B 180 -27.30 -2.33 17.25
C ASP B 180 -26.63 -1.02 16.87
N VAL B 181 -26.39 -0.82 15.58
CA VAL B 181 -25.65 0.34 15.10
C VAL B 181 -26.55 1.32 14.33
N ARG B 182 -27.87 1.12 14.39
CA ARG B 182 -28.85 1.99 13.76
C ARG B 182 -28.56 2.22 12.28
N ASP B 183 -28.27 3.48 11.90
CA ASP B 183 -28.16 3.83 10.50
C ASP B 183 -26.73 3.84 9.98
N ALA B 184 -25.76 3.46 10.81
CA ALA B 184 -24.36 3.46 10.38
C ALA B 184 -23.94 2.07 9.95
N MET B 185 -22.87 2.02 9.16
CA MET B 185 -22.28 0.74 8.81
C MET B 185 -21.80 0.02 10.05
N GLY B 186 -21.17 0.77 10.96
CA GLY B 186 -20.95 0.34 12.32
C GLY B 186 -19.59 -0.25 12.62
N ALA B 187 -18.68 -0.29 11.64
CA ALA B 187 -17.37 -0.89 11.88
C ALA B 187 -16.62 -0.14 12.98
N ASN B 188 -16.61 1.20 12.90
CA ASN B 188 -15.87 1.98 13.88
C ASN B 188 -16.53 1.91 15.25
N THR B 189 -17.84 2.16 15.30
CA THR B 189 -18.62 2.03 16.53
C THR B 189 -18.28 0.73 17.25
N VAL B 190 -18.32 -0.37 16.51
CA VAL B 190 -18.20 -1.71 17.06
C VAL B 190 -16.76 -2.01 17.44
N ASN B 191 -15.79 -1.54 16.64
CA ASN B 191 -14.40 -1.69 17.01
C ASN B 191 -14.10 -0.99 18.33
N THR B 192 -14.62 0.22 18.50
CA THR B 192 -14.39 0.99 19.72
C THR B 192 -14.91 0.24 20.95
N MET B 193 -16.11 -0.34 20.87
CA MET B 193 -16.63 -1.12 21.97
C MET B 193 -15.75 -2.33 22.26
N ALA B 194 -15.18 -2.95 21.22
CA ALA B 194 -14.32 -4.10 21.46
C ALA B 194 -13.11 -3.70 22.27
N GLU B 195 -12.54 -2.54 21.96
CA GLU B 195 -11.44 -2.01 22.74
C GLU B 195 -11.90 -1.68 24.16
N SER B 196 -13.13 -1.21 24.32
CA SER B 196 -13.61 -0.73 25.61
C SER B 196 -13.70 -1.85 26.64
N VAL B 197 -14.18 -3.03 26.22
CA VAL B 197 -14.42 -4.11 27.17
C VAL B 197 -13.21 -5.01 27.36
N ALA B 198 -12.10 -4.73 26.68
CA ALA B 198 -10.96 -5.64 26.73
C ALA B 198 -10.35 -5.78 28.12
N PRO B 199 -10.14 -4.71 28.89
CA PRO B 199 -9.60 -4.91 30.25
C PRO B 199 -10.54 -5.70 31.14
N LEU B 200 -11.84 -5.41 31.09
CA LEU B 200 -12.79 -6.18 31.88
C LEU B 200 -12.79 -7.65 31.46
N VAL B 201 -12.75 -7.93 30.16
CA VAL B 201 -12.69 -9.32 29.71
C VAL B 201 -11.41 -9.98 30.18
N GLU B 202 -10.30 -9.23 30.22
CA GLU B 202 -9.04 -9.80 30.69
C GLU B 202 -9.11 -10.12 32.16
N LYS B 203 -9.84 -9.30 32.93
CA LYS B 203 -10.01 -9.54 34.35
C LYS B 203 -10.83 -10.80 34.60
N ILE B 204 -11.94 -10.95 33.88
CA ILE B 204 -12.85 -12.07 34.12
C ILE B 204 -12.18 -13.39 33.75
N THR B 205 -11.57 -13.45 32.56
CA THR B 205 -11.04 -14.71 32.06
C THR B 205 -9.65 -15.04 32.60
N GLY B 206 -8.87 -14.03 33.00
CA GLY B 206 -7.47 -14.22 33.28
C GLY B 206 -6.58 -14.32 32.06
N GLY B 207 -7.11 -14.03 30.87
CA GLY B 207 -6.37 -14.16 29.63
C GLY B 207 -5.85 -12.84 29.11
N SER B 208 -5.28 -12.91 27.90
CA SER B 208 -4.75 -11.77 27.15
C SER B 208 -5.62 -11.54 25.93
N VAL B 209 -6.25 -10.37 25.85
CA VAL B 209 -7.05 -10.00 24.69
C VAL B 209 -6.13 -9.57 23.56
N ARG B 210 -6.31 -10.16 22.37
CA ARG B 210 -5.51 -9.79 21.21
C ARG B 210 -6.38 -9.00 20.25
N LEU B 211 -7.06 -9.64 19.31
CA LEU B 211 -7.81 -8.87 18.31
C LEU B 211 -9.09 -8.30 18.91
N ARG B 212 -9.40 -7.06 18.53
CA ARG B 212 -10.64 -6.38 18.87
C ARG B 212 -11.15 -5.78 17.56
N ILE B 213 -12.11 -6.45 16.93
CA ILE B 213 -12.43 -6.19 15.53
C ILE B 213 -13.83 -6.72 15.22
N LEU B 214 -14.52 -6.02 14.34
CA LEU B 214 -15.82 -6.45 13.85
C LEU B 214 -15.68 -7.74 13.04
N SER B 215 -16.79 -8.45 12.91
CA SER B 215 -16.89 -9.53 11.93
C SER B 215 -17.63 -9.00 10.72
N ASN B 216 -17.01 -9.12 9.54
CA ASN B 216 -17.70 -8.80 8.30
C ASN B 216 -18.77 -9.83 7.97
N LEU B 217 -18.78 -10.96 8.68
CA LEU B 217 -19.78 -12.00 8.47
C LEU B 217 -21.04 -11.60 9.25
N ALA B 218 -21.73 -10.61 8.71
CA ALA B 218 -22.76 -9.89 9.44
C ALA B 218 -24.10 -10.62 9.35
N ASP B 219 -24.11 -11.86 9.82
CA ASP B 219 -25.30 -12.68 9.66
C ASP B 219 -26.39 -12.35 10.67
N LEU B 220 -26.18 -11.37 11.55
CA LEU B 220 -27.26 -10.79 12.34
C LEU B 220 -27.86 -9.57 11.69
N ARG B 221 -27.35 -9.14 10.54
CA ARG B 221 -27.82 -7.95 9.82
C ARG B 221 -28.25 -8.36 8.41
N LEU B 222 -29.38 -9.06 8.32
CA LEU B 222 -29.84 -9.65 7.07
C LEU B 222 -30.85 -8.74 6.39
N ALA B 223 -30.70 -8.59 5.08
CA ALA B 223 -31.74 -8.04 4.22
C ALA B 223 -32.43 -9.18 3.48
N ARG B 224 -33.74 -9.05 3.30
CA ARG B 224 -34.56 -10.07 2.64
C ARG B 224 -35.40 -9.41 1.55
N ALA B 225 -35.54 -10.08 0.40
CA ALA B 225 -36.43 -9.59 -0.65
C ALA B 225 -37.01 -10.77 -1.40
N ARG B 226 -38.26 -10.61 -1.83
CA ARG B 226 -38.94 -11.62 -2.62
C ARG B 226 -39.73 -10.95 -3.73
N VAL B 227 -40.04 -11.75 -4.76
CA VAL B 227 -40.70 -11.27 -5.96
C VAL B 227 -41.49 -12.41 -6.58
N ARG B 228 -42.60 -12.06 -7.24
CA ARG B 228 -43.48 -13.00 -7.92
C ARG B 228 -43.76 -12.51 -9.33
N LEU B 229 -43.72 -13.43 -10.30
CA LEU B 229 -44.00 -13.11 -11.69
C LEU B 229 -44.80 -14.24 -12.32
N THR B 230 -45.97 -13.90 -12.83
CA THR B 230 -46.83 -14.87 -13.45
C THR B 230 -46.28 -15.29 -14.80
N PRO B 231 -46.70 -16.46 -15.30
CA PRO B 231 -46.40 -16.81 -16.70
C PRO B 231 -46.79 -15.71 -17.69
N GLN B 232 -47.94 -15.07 -17.48
CA GLN B 232 -48.35 -13.99 -18.38
C GLN B 232 -47.33 -12.87 -18.39
N THR B 233 -46.85 -12.47 -17.21
CA THR B 233 -45.88 -11.39 -17.15
C THR B 233 -44.58 -11.75 -17.87
N LEU B 234 -44.20 -13.02 -17.87
CA LEU B 234 -42.92 -13.40 -18.43
C LEU B 234 -43.01 -13.84 -19.89
N ALA B 235 -44.22 -14.03 -20.41
CA ALA B 235 -44.37 -14.49 -21.79
C ALA B 235 -43.74 -13.51 -22.77
N THR B 236 -43.12 -14.05 -23.82
CA THR B 236 -42.61 -13.24 -24.92
C THR B 236 -43.23 -13.73 -26.23
N GLN B 237 -42.85 -13.06 -27.32
CA GLN B 237 -43.37 -13.45 -28.63
C GLN B 237 -42.90 -14.84 -29.01
N ASP B 238 -41.64 -15.17 -28.70
CA ASP B 238 -41.06 -16.43 -29.13
C ASP B 238 -41.06 -17.51 -28.06
N ARG B 239 -41.38 -17.18 -26.81
CA ARG B 239 -41.35 -18.15 -25.73
C ARG B 239 -42.49 -17.90 -24.76
N SER B 240 -43.13 -18.98 -24.32
CA SER B 240 -44.22 -18.87 -23.36
C SER B 240 -43.66 -18.56 -21.98
N GLY B 241 -44.47 -17.87 -21.18
CA GLY B 241 -44.10 -17.67 -19.78
C GLY B 241 -43.74 -18.98 -19.10
N GLU B 242 -44.49 -20.03 -19.39
CA GLU B 242 -44.30 -21.28 -18.66
C GLU B 242 -42.94 -21.90 -18.97
N GLU B 243 -42.46 -21.78 -20.21
CA GLU B 243 -41.18 -22.39 -20.51
C GLU B 243 -40.02 -21.53 -20.07
N ILE B 244 -40.22 -20.22 -19.93
CA ILE B 244 -39.21 -19.38 -19.30
C ILE B 244 -39.10 -19.69 -17.82
N ILE B 245 -40.23 -19.87 -17.14
CA ILE B 245 -40.22 -20.26 -15.72
C ILE B 245 -39.46 -21.57 -15.52
N GLU B 246 -39.77 -22.58 -16.33
CA GLU B 246 -39.05 -23.85 -16.22
C GLU B 246 -37.56 -23.66 -16.52
N GLY B 247 -37.23 -22.82 -17.50
CA GLY B 247 -35.83 -22.54 -17.79
C GLY B 247 -35.10 -21.92 -16.60
N VAL B 248 -35.71 -20.89 -15.98
CA VAL B 248 -35.10 -20.28 -14.80
C VAL B 248 -34.90 -21.32 -13.70
N LEU B 249 -35.88 -22.20 -13.51
CA LEU B 249 -35.73 -23.24 -12.50
C LEU B 249 -34.58 -24.17 -12.86
N ASP B 250 -34.43 -24.49 -14.16
CA ASP B 250 -33.28 -25.26 -14.60
C ASP B 250 -31.99 -24.58 -14.19
N ALA B 251 -31.91 -23.26 -14.39
CA ALA B 251 -30.67 -22.56 -14.09
C ALA B 251 -30.44 -22.44 -12.58
N TYR B 252 -31.50 -22.25 -11.80
CA TYR B 252 -31.34 -22.06 -10.36
C TYR B 252 -30.80 -23.31 -9.68
N THR B 253 -31.36 -24.48 -10.01
CA THR B 253 -30.92 -25.71 -9.36
C THR B 253 -29.45 -26.01 -9.66
N PHE B 254 -29.03 -25.73 -10.89
CA PHE B 254 -27.61 -25.80 -11.27
C PHE B 254 -26.74 -25.01 -10.28
N ALA B 255 -27.15 -23.79 -9.94
CA ALA B 255 -26.36 -23.00 -9.01
C ALA B 255 -26.45 -23.56 -7.59
N ALA B 256 -27.62 -24.07 -7.21
CA ALA B 256 -27.77 -24.62 -5.87
C ALA B 256 -26.84 -25.81 -5.64
N ILE B 257 -26.60 -26.64 -6.67
CA ILE B 257 -25.87 -27.89 -6.45
C ILE B 257 -24.39 -27.81 -6.83
N ASP B 258 -24.01 -26.87 -7.68
CA ASP B 258 -22.64 -26.79 -8.19
C ASP B 258 -21.97 -25.48 -7.77
N PRO B 259 -20.94 -25.51 -6.93
CA PRO B 259 -20.26 -24.26 -6.56
C PRO B 259 -19.63 -23.54 -7.75
N TYR B 260 -19.25 -24.27 -8.81
CA TYR B 260 -18.73 -23.60 -10.01
C TYR B 260 -19.78 -22.71 -10.65
N ARG B 261 -21.06 -23.13 -10.60
CA ARG B 261 -22.13 -22.30 -11.12
C ARG B 261 -22.61 -21.29 -10.09
N ALA B 262 -22.57 -21.63 -8.81
CA ALA B 262 -23.07 -20.73 -7.78
C ALA B 262 -22.22 -19.46 -7.71
N ALA B 263 -20.92 -19.58 -7.92
CA ALA B 263 -20.06 -18.39 -7.87
C ALA B 263 -20.49 -17.38 -8.92
N THR B 264 -20.68 -17.83 -10.16
CA THR B 264 -21.14 -16.97 -11.24
C THR B 264 -22.54 -16.44 -10.96
N HIS B 265 -23.40 -17.31 -10.44
CA HIS B 265 -24.75 -16.94 -10.06
C HIS B 265 -24.74 -15.83 -9.00
N ASN B 266 -23.85 -15.92 -8.00
CA ASN B 266 -23.77 -14.90 -6.96
C ASN B 266 -23.01 -13.65 -7.43
N LYS B 267 -22.04 -13.82 -8.34
CA LYS B 267 -21.41 -12.67 -9.00
C LYS B 267 -22.46 -11.81 -9.68
N GLY B 268 -23.41 -12.44 -10.37
CA GLY B 268 -24.47 -11.66 -11.01
C GLY B 268 -25.31 -10.89 -10.01
N ILE B 269 -25.60 -11.51 -8.85
CA ILE B 269 -26.28 -10.78 -7.78
C ILE B 269 -25.45 -9.56 -7.38
N MET B 270 -24.13 -9.74 -7.22
CA MET B 270 -23.35 -8.59 -6.81
C MET B 270 -23.16 -7.55 -7.93
N ASN B 271 -23.44 -7.91 -9.21
CA ASN B 271 -23.50 -6.88 -10.25
C ASN B 271 -24.59 -5.86 -9.97
N GLY B 272 -25.68 -6.29 -9.37
CA GLY B 272 -26.75 -5.39 -8.99
C GLY B 272 -26.45 -4.64 -7.71
N ILE B 273 -25.78 -5.29 -6.76
CA ILE B 273 -25.68 -4.73 -5.42
C ILE B 273 -24.52 -3.74 -5.33
N ASP B 274 -23.31 -4.21 -5.66
CA ASP B 274 -22.13 -3.36 -5.56
C ASP B 274 -22.31 -1.98 -6.16
N PRO B 275 -22.88 -1.80 -7.37
CA PRO B 275 -22.96 -0.44 -7.92
C PRO B 275 -23.83 0.51 -7.10
N VAL B 276 -24.86 0.01 -6.41
CA VAL B 276 -25.60 0.82 -5.45
C VAL B 276 -24.74 1.14 -4.25
N ILE B 277 -23.99 0.15 -3.77
CA ILE B 277 -23.10 0.36 -2.64
C ILE B 277 -22.09 1.46 -2.98
N VAL B 278 -21.49 1.37 -4.17
CA VAL B 278 -20.47 2.35 -4.57
C VAL B 278 -21.09 3.73 -4.69
N ALA B 279 -22.25 3.82 -5.34
CA ALA B 279 -22.87 5.12 -5.61
C ALA B 279 -23.32 5.82 -4.33
N THR B 280 -23.62 5.07 -3.27
CA THR B 280 -23.98 5.64 -1.98
C THR B 280 -22.80 5.77 -1.02
N GLY B 281 -21.56 5.66 -1.53
CA GLY B 281 -20.40 5.89 -0.69
C GLY B 281 -20.08 4.80 0.30
N ASN B 282 -20.69 3.63 0.17
CA ASN B 282 -20.49 2.54 1.12
C ASN B 282 -19.36 1.61 0.69
N ASP B 283 -18.81 0.90 1.67
CA ASP B 283 -17.69 -0.03 1.49
C ASP B 283 -18.18 -1.27 0.76
N TRP B 284 -17.82 -1.39 -0.53
CA TRP B 284 -18.27 -2.57 -1.28
C TRP B 284 -17.50 -3.84 -0.88
N ARG B 285 -16.25 -3.73 -0.42
CA ARG B 285 -15.53 -4.92 0.05
C ARG B 285 -16.25 -5.58 1.22
N ALA B 286 -16.78 -4.77 2.15
CA ALA B 286 -17.53 -5.33 3.27
C ALA B 286 -18.80 -6.05 2.81
N VAL B 287 -19.53 -5.47 1.86
CA VAL B 287 -20.74 -6.12 1.38
C VAL B 287 -20.38 -7.40 0.61
N GLU B 288 -19.34 -7.33 -0.21
CA GLU B 288 -18.90 -8.53 -0.93
C GLU B 288 -18.53 -9.64 0.05
N ALA B 289 -17.73 -9.30 1.08
CA ALA B 289 -17.29 -10.30 2.05
C ALA B 289 -18.48 -10.95 2.75
N GLY B 290 -19.42 -10.15 3.24
CA GLY B 290 -20.53 -10.71 3.99
C GLY B 290 -21.45 -11.58 3.14
N ALA B 291 -21.68 -11.18 1.89
CA ALA B 291 -22.50 -11.98 1.00
C ALA B 291 -21.84 -13.33 0.71
N HIS B 292 -20.60 -13.31 0.22
CA HIS B 292 -20.00 -14.54 -0.26
C HIS B 292 -19.67 -15.51 0.88
N ALA B 293 -19.24 -15.00 2.03
CA ALA B 293 -19.05 -15.87 3.20
C ALA B 293 -20.37 -16.48 3.64
N TYR B 294 -21.43 -15.67 3.68
CA TYR B 294 -22.75 -16.20 4.01
C TYR B 294 -23.16 -17.31 3.06
N ALA B 295 -22.74 -17.21 1.80
CA ALA B 295 -23.16 -18.16 0.77
C ALA B 295 -22.65 -19.57 1.03
N SER B 296 -21.72 -19.74 1.96
CA SER B 296 -21.16 -21.05 2.28
C SER B 296 -21.40 -21.44 3.73
N ARG B 297 -22.43 -20.83 4.35
CA ARG B 297 -22.74 -21.15 5.74
C ARG B 297 -23.17 -22.60 5.91
N SER B 298 -23.80 -23.19 4.90
CA SER B 298 -24.31 -24.55 4.97
C SER B 298 -23.24 -25.63 4.86
N GLY B 299 -21.99 -25.26 4.63
CA GLY B 299 -20.96 -26.25 4.39
C GLY B 299 -20.52 -26.37 2.96
N SER B 300 -21.28 -25.78 2.02
CA SER B 300 -20.90 -25.76 0.62
C SER B 300 -21.25 -24.39 0.05
N TYR B 301 -20.39 -23.87 -0.84
CA TYR B 301 -20.66 -22.59 -1.48
C TYR B 301 -21.86 -22.73 -2.41
N THR B 302 -22.94 -21.99 -2.14
CA THR B 302 -24.15 -22.15 -2.93
C THR B 302 -24.82 -20.80 -3.20
N SER B 303 -25.98 -20.88 -3.83
CA SER B 303 -26.72 -19.70 -4.26
C SER B 303 -27.23 -18.88 -3.08
N LEU B 304 -27.21 -17.56 -3.25
CA LEU B 304 -27.82 -16.68 -2.26
C LEU B 304 -29.32 -16.49 -2.50
N THR B 305 -29.82 -16.89 -3.66
CA THR B 305 -31.23 -16.75 -3.99
C THR B 305 -31.86 -18.12 -4.12
N ARG B 306 -33.19 -18.13 -4.02
CA ARG B 306 -34.01 -19.30 -4.31
C ARG B 306 -35.05 -18.93 -5.37
N TRP B 307 -35.36 -19.89 -6.24
CA TRP B 307 -36.34 -19.72 -7.30
C TRP B 307 -37.26 -20.93 -7.30
N GLU B 308 -38.57 -20.67 -7.19
CA GLU B 308 -39.58 -21.69 -7.03
C GLU B 308 -40.81 -21.28 -7.82
N LYS B 309 -41.86 -22.10 -7.76
CA LYS B 309 -43.18 -21.71 -8.24
C LYS B 309 -44.18 -21.71 -7.09
N ASP B 310 -45.20 -20.85 -7.19
CA ASP B 310 -46.23 -20.84 -6.17
C ASP B 310 -47.32 -21.82 -6.59
N ALA B 311 -48.45 -21.83 -5.88
CA ALA B 311 -49.48 -22.83 -6.12
C ALA B 311 -50.03 -22.74 -7.55
N GLY B 312 -50.30 -21.53 -8.03
CA GLY B 312 -50.80 -21.37 -9.38
C GLY B 312 -49.76 -21.36 -10.48
N GLY B 313 -48.50 -21.66 -10.17
CA GLY B 313 -47.48 -21.74 -11.20
C GLY B 313 -46.72 -20.46 -11.47
N ALA B 314 -46.83 -19.48 -10.59
CA ALA B 314 -46.06 -18.24 -10.75
C ALA B 314 -44.64 -18.42 -10.21
N LEU B 315 -43.68 -17.87 -10.94
CA LEU B 315 -42.28 -17.89 -10.51
C LEU B 315 -42.11 -17.00 -9.28
N VAL B 316 -41.45 -17.53 -8.26
CA VAL B 316 -41.20 -16.81 -7.02
C VAL B 316 -39.70 -16.85 -6.73
N GLY B 317 -39.10 -15.69 -6.54
CA GLY B 317 -37.69 -15.58 -6.21
C GLY B 317 -37.52 -14.95 -4.85
N SER B 318 -36.49 -15.38 -4.14
CA SER B 318 -36.27 -14.88 -2.79
C SER B 318 -34.78 -14.80 -2.54
N ILE B 319 -34.39 -13.86 -1.68
CA ILE B 319 -32.98 -13.64 -1.39
C ILE B 319 -32.87 -13.17 0.05
N GLU B 320 -31.76 -13.54 0.69
CA GLU B 320 -31.47 -13.20 2.08
C GLU B 320 -29.95 -13.12 2.24
N LEU B 321 -29.46 -12.01 2.77
CA LEU B 321 -28.01 -11.93 2.81
C LEU B 321 -27.58 -10.81 3.72
N PRO B 322 -26.36 -10.84 4.27
CA PRO B 322 -25.92 -9.72 5.10
C PRO B 322 -25.86 -8.44 4.29
N MET B 323 -26.23 -7.34 4.93
CA MET B 323 -26.25 -6.04 4.28
C MET B 323 -25.77 -4.97 5.26
N PRO B 324 -24.46 -4.95 5.55
CA PRO B 324 -23.92 -3.89 6.40
C PRO B 324 -23.65 -2.63 5.59
N VAL B 325 -24.58 -1.68 5.66
CA VAL B 325 -24.49 -0.42 4.93
C VAL B 325 -24.94 0.68 5.88
N GLY B 326 -24.67 1.92 5.49
CA GLY B 326 -24.99 3.04 6.36
C GLY B 326 -25.44 4.24 5.56
N LEU B 327 -26.11 5.16 6.25
CA LEU B 327 -26.43 6.47 5.71
C LEU B 327 -25.55 7.55 6.31
N VAL B 328 -24.81 7.23 7.36
CA VAL B 328 -23.96 8.16 8.07
C VAL B 328 -22.59 7.50 8.16
N GLY B 329 -21.55 8.31 8.25
CA GLY B 329 -20.21 7.80 8.44
C GLY B 329 -19.56 7.33 7.15
N GLY B 330 -18.24 7.13 7.24
CA GLY B 330 -17.46 6.81 6.07
C GLY B 330 -17.55 7.90 5.02
N ALA B 331 -17.68 7.47 3.77
CA ALA B 331 -17.74 8.37 2.63
C ALA B 331 -19.16 8.77 2.26
N THR B 332 -20.17 8.16 2.88
CA THR B 332 -21.55 8.41 2.47
C THR B 332 -21.98 9.84 2.76
N LYS B 333 -21.26 10.54 3.63
CA LYS B 333 -21.55 11.95 3.80
C LYS B 333 -20.40 12.84 3.38
N THR B 334 -19.20 12.30 3.18
CA THR B 334 -18.10 13.10 2.65
C THR B 334 -18.24 13.34 1.14
N HIS B 335 -18.52 12.29 0.39
CA HIS B 335 -18.59 12.39 -1.06
C HIS B 335 -19.87 13.10 -1.49
N PRO B 336 -19.78 14.22 -2.22
CA PRO B 336 -21.01 14.97 -2.55
C PRO B 336 -21.99 14.18 -3.38
N LEU B 337 -21.53 13.29 -4.27
CA LEU B 337 -22.45 12.47 -5.04
C LEU B 337 -23.08 11.37 -4.19
N ALA B 338 -22.34 10.81 -3.25
CA ALA B 338 -22.92 9.85 -2.32
C ALA B 338 -24.07 10.47 -1.54
N ARG B 339 -23.87 11.70 -1.03
CA ARG B 339 -24.94 12.43 -0.37
C ARG B 339 -26.13 12.61 -1.30
N LEU B 340 -25.86 13.02 -2.53
CA LEU B 340 -26.93 13.23 -3.51
C LEU B 340 -27.63 11.93 -3.85
N ALA B 341 -26.89 10.82 -3.92
CA ALA B 341 -27.49 9.54 -4.27
C ALA B 341 -28.50 9.12 -3.20
N LEU B 342 -28.14 9.33 -1.93
CA LEU B 342 -29.08 9.13 -0.84
C LEU B 342 -30.32 10.00 -1.00
N LYS B 343 -30.16 11.22 -1.54
CA LYS B 343 -31.32 12.09 -1.70
C LYS B 343 -32.21 11.58 -2.83
N ILE B 344 -31.59 11.09 -3.90
CA ILE B 344 -32.36 10.53 -5.01
C ILE B 344 -33.17 9.32 -4.56
N MET B 345 -32.56 8.44 -3.75
CA MET B 345 -33.29 7.28 -3.27
C MET B 345 -34.29 7.62 -2.19
N ASP B 346 -34.15 8.79 -1.56
CA ASP B 346 -35.04 9.26 -0.50
C ASP B 346 -35.13 8.23 0.63
N LEU B 347 -33.97 7.92 1.20
CA LEU B 347 -33.85 6.84 2.16
C LEU B 347 -34.11 7.32 3.58
N GLN B 348 -34.94 6.58 4.31
CA GLN B 348 -35.23 6.92 5.70
C GLN B 348 -34.36 6.18 6.71
N SER B 349 -33.73 5.06 6.33
CA SER B 349 -32.89 4.31 7.24
C SER B 349 -31.92 3.46 6.44
N ALA B 350 -30.87 2.99 7.13
CA ALA B 350 -29.91 2.07 6.52
C ALA B 350 -30.56 0.73 6.17
N GLN B 351 -31.45 0.23 7.04
CA GLN B 351 -32.22 -0.98 6.73
C GLN B 351 -32.91 -0.86 5.40
N GLN B 352 -33.47 0.33 5.11
CA GLN B 352 -34.19 0.53 3.87
C GLN B 352 -33.26 0.51 2.66
N LEU B 353 -32.09 1.15 2.78
CA LEU B 353 -31.06 1.01 1.75
C LEU B 353 -30.68 -0.45 1.55
N GLY B 354 -30.61 -1.21 2.64
CA GLY B 354 -30.21 -2.61 2.52
C GLY B 354 -31.29 -3.46 1.87
N GLU B 355 -32.56 -3.17 2.15
CA GLU B 355 -33.64 -3.93 1.51
C GLU B 355 -33.72 -3.62 0.02
N ILE B 356 -33.55 -2.36 -0.36
CA ILE B 356 -33.57 -1.99 -1.77
C ILE B 356 -32.46 -2.72 -2.52
N ALA B 357 -31.25 -2.76 -1.95
CA ALA B 357 -30.13 -3.39 -2.64
C ALA B 357 -30.37 -4.88 -2.83
N ALA B 358 -30.88 -5.56 -1.80
CA ALA B 358 -31.23 -6.97 -1.97
C ALA B 358 -32.24 -7.15 -3.09
N ALA B 359 -33.21 -6.24 -3.19
CA ALA B 359 -34.15 -6.31 -4.30
C ALA B 359 -33.45 -6.09 -5.64
N VAL B 360 -32.49 -5.17 -5.70
CA VAL B 360 -31.75 -4.99 -6.94
C VAL B 360 -30.89 -6.22 -7.25
N GLY B 361 -30.31 -6.82 -6.22
CA GLY B 361 -29.55 -8.03 -6.44
C GLY B 361 -30.42 -9.17 -6.92
N LEU B 362 -31.60 -9.33 -6.33
CA LEU B 362 -32.53 -10.37 -6.74
C LEU B 362 -32.98 -10.13 -8.18
N ALA B 363 -33.28 -8.88 -8.53
CA ALA B 363 -33.67 -8.55 -9.90
C ALA B 363 -32.55 -8.87 -10.87
N GLN B 364 -31.31 -8.49 -10.54
CA GLN B 364 -30.19 -8.79 -11.43
C GLN B 364 -30.07 -10.29 -11.68
N ASN B 365 -30.16 -11.09 -10.61
CA ASN B 365 -30.10 -12.53 -10.77
C ASN B 365 -31.18 -13.03 -11.72
N LEU B 366 -32.40 -12.51 -11.59
CA LEU B 366 -33.48 -12.93 -12.49
C LEU B 366 -33.16 -12.59 -13.95
N GLY B 367 -32.65 -11.38 -14.21
CA GLY B 367 -32.28 -11.02 -15.56
C GLY B 367 -31.26 -11.98 -16.16
N ALA B 368 -30.25 -12.34 -15.38
CA ALA B 368 -29.22 -13.25 -15.86
C ALA B 368 -29.82 -14.64 -16.13
N LEU B 369 -30.54 -15.20 -15.14
CA LEU B 369 -31.10 -16.53 -15.31
C LEU B 369 -32.07 -16.58 -16.49
N ARG B 370 -32.95 -15.58 -16.60
CA ARG B 370 -33.91 -15.53 -17.69
C ARG B 370 -33.22 -15.45 -19.04
N ALA B 371 -32.18 -14.61 -19.14
CA ALA B 371 -31.45 -14.47 -20.40
C ALA B 371 -30.72 -15.75 -20.75
N LEU B 372 -29.92 -16.29 -19.82
CA LEU B 372 -29.13 -17.48 -20.10
C LEU B 372 -30.01 -18.68 -20.46
N ALA B 373 -31.19 -18.78 -19.83
CA ALA B 373 -32.02 -19.96 -20.02
C ALA B 373 -32.79 -19.90 -21.34
N THR B 374 -33.07 -18.70 -21.84
CA THR B 374 -33.85 -18.56 -23.06
C THR B 374 -33.01 -18.26 -24.29
N GLU B 375 -31.70 -18.11 -24.15
CA GLU B 375 -30.84 -17.94 -25.32
C GLU B 375 -30.94 -19.18 -26.21
N GLY B 376 -31.28 -18.95 -27.48
CA GLY B 376 -31.44 -20.07 -28.40
C GLY B 376 -30.13 -20.79 -28.66
N ILE B 377 -30.22 -22.10 -28.90
CA ILE B 377 -29.04 -22.87 -29.25
C ILE B 377 -28.47 -22.37 -30.56
N GLN B 378 -29.34 -22.05 -31.52
CA GLN B 378 -28.96 -21.37 -32.74
C GLN B 378 -29.46 -19.94 -32.70
N ARG B 379 -28.80 -19.05 -33.44
CA ARG B 379 -29.20 -17.63 -33.49
C ARG B 379 -30.65 -17.50 -33.92
N GLY B 380 -31.49 -16.94 -33.05
CA GLY B 380 -32.87 -16.66 -33.35
C GLY B 380 -33.03 -15.35 -34.09
N HIS B 381 -34.30 -14.97 -34.33
CA HIS B 381 -34.53 -13.84 -35.22
C HIS B 381 -34.18 -12.51 -34.56
N MET B 382 -34.31 -12.40 -33.23
CA MET B 382 -33.85 -11.19 -32.57
C MET B 382 -32.34 -11.06 -32.68
N ALA B 383 -31.61 -12.15 -32.44
CA ALA B 383 -30.16 -12.12 -32.56
C ALA B 383 -29.73 -11.75 -33.97
N LEU B 384 -30.42 -12.26 -34.99
CA LEU B 384 -30.08 -11.89 -36.35
C LEU B 384 -30.44 -10.42 -36.62
N HIS B 385 -31.58 -9.96 -36.10
CA HIS B 385 -31.92 -8.55 -36.24
C HIS B 385 -30.87 -7.64 -35.59
N ALA B 386 -30.34 -8.05 -34.43
CA ALA B 386 -29.30 -7.23 -33.78
C ALA B 386 -28.03 -7.18 -34.60
N ARG B 387 -27.67 -8.29 -35.27
CA ARG B 387 -26.50 -8.28 -36.13
C ARG B 387 -26.68 -7.29 -37.27
N ASN B 388 -27.85 -7.31 -37.90
CA ASN B 388 -28.12 -6.39 -39.00
C ASN B 388 -28.02 -4.95 -38.53
N ILE B 389 -28.53 -4.66 -37.32
CA ILE B 389 -28.46 -3.30 -36.79
C ILE B 389 -27.01 -2.89 -36.56
N ALA B 390 -26.21 -3.79 -35.98
CA ALA B 390 -24.78 -3.53 -35.84
C ALA B 390 -24.12 -3.28 -37.19
N LEU B 391 -24.50 -4.04 -38.21
CA LEU B 391 -23.89 -3.87 -39.53
C LEU B 391 -24.23 -2.51 -40.13
N VAL B 392 -25.50 -2.12 -40.06
CA VAL B 392 -25.92 -0.83 -40.61
C VAL B 392 -25.24 0.34 -39.87
N ALA B 393 -24.94 0.16 -38.59
CA ALA B 393 -24.23 1.20 -37.83
C ALA B 393 -22.73 1.23 -38.11
N GLY B 394 -22.24 0.32 -38.92
CA GLY B 394 -20.87 0.38 -39.38
C GLY B 394 -19.93 -0.62 -38.77
N ALA B 395 -20.45 -1.61 -38.04
CA ALA B 395 -19.61 -2.60 -37.36
C ALA B 395 -19.08 -3.64 -38.34
N THR B 396 -17.92 -4.20 -38.01
CA THR B 396 -17.32 -5.14 -38.92
C THR B 396 -16.44 -6.11 -38.13
N GLY B 397 -16.11 -7.23 -38.77
CA GLY B 397 -15.24 -8.18 -38.13
C GLY B 397 -15.87 -8.72 -36.87
N ASP B 398 -15.09 -8.72 -35.78
CA ASP B 398 -15.56 -9.21 -34.49
C ASP B 398 -16.45 -8.20 -33.78
N GLU B 399 -16.51 -6.96 -34.28
CA GLU B 399 -17.35 -5.95 -33.64
C GLU B 399 -18.83 -6.25 -33.81
N VAL B 400 -19.20 -6.99 -34.86
CA VAL B 400 -20.62 -7.19 -35.14
C VAL B 400 -21.28 -7.94 -33.98
N ASP B 401 -20.80 -9.16 -33.70
CA ASP B 401 -21.37 -9.95 -32.61
C ASP B 401 -21.24 -9.22 -31.27
N ALA B 402 -20.13 -8.51 -31.06
CA ALA B 402 -19.94 -7.83 -29.79
C ALA B 402 -20.97 -6.72 -29.58
N VAL B 403 -21.20 -5.89 -30.60
CA VAL B 403 -22.17 -4.80 -30.48
C VAL B 403 -23.58 -5.38 -30.36
N ALA B 404 -23.90 -6.36 -31.22
CA ALA B 404 -25.21 -7.00 -31.21
C ALA B 404 -25.50 -7.70 -29.89
N ARG B 405 -24.47 -8.32 -29.29
CA ARG B 405 -24.63 -8.92 -27.97
C ARG B 405 -25.06 -7.86 -26.95
N GLN B 406 -24.36 -6.72 -26.93
CA GLN B 406 -24.71 -5.68 -25.98
C GLN B 406 -26.11 -5.11 -26.27
N LEU B 407 -26.44 -4.86 -27.54
CA LEU B 407 -27.74 -4.30 -27.87
C LEU B 407 -28.86 -5.20 -27.40
N ALA B 408 -28.74 -6.50 -27.67
CA ALA B 408 -29.78 -7.45 -27.28
C ALA B 408 -29.92 -7.52 -25.76
N ALA B 409 -28.80 -7.68 -25.06
CA ALA B 409 -28.81 -7.71 -23.59
C ALA B 409 -29.30 -6.40 -22.99
N GLU B 410 -29.20 -5.30 -23.73
CA GLU B 410 -29.70 -4.01 -23.26
C GLU B 410 -31.16 -3.77 -23.64
N HIS B 411 -31.78 -4.66 -24.42
CA HIS B 411 -33.14 -4.45 -24.93
C HIS B 411 -33.26 -3.08 -25.59
N ASP B 412 -32.24 -2.73 -26.36
CA ASP B 412 -32.10 -1.43 -26.98
C ASP B 412 -31.53 -1.62 -28.39
N VAL B 413 -32.17 -2.49 -29.17
CA VAL B 413 -31.69 -2.88 -30.50
C VAL B 413 -32.20 -1.82 -31.48
N ARG B 414 -31.45 -0.74 -31.62
CA ARG B 414 -31.74 0.29 -32.62
C ARG B 414 -30.41 0.93 -33.04
N THR B 415 -30.45 1.59 -34.20
CA THR B 415 -29.20 2.01 -34.83
C THR B 415 -28.49 3.07 -34.01
N ASP B 416 -29.23 4.04 -33.46
CA ASP B 416 -28.61 5.09 -32.65
C ASP B 416 -27.85 4.48 -31.46
N ARG B 417 -28.40 3.44 -30.82
CA ARG B 417 -27.69 2.76 -29.75
C ARG B 417 -26.46 2.04 -30.29
N ALA B 418 -26.61 1.34 -31.42
CA ALA B 418 -25.46 0.69 -32.04
C ALA B 418 -24.33 1.69 -32.33
N LEU B 419 -24.68 2.95 -32.65
CA LEU B 419 -23.62 3.92 -32.92
C LEU B 419 -22.86 4.25 -31.64
N GLU B 420 -23.60 4.52 -30.55
CA GLU B 420 -22.99 4.83 -29.27
C GLU B 420 -22.15 3.67 -28.76
N VAL B 421 -22.64 2.44 -28.93
CA VAL B 421 -21.90 1.29 -28.42
C VAL B 421 -20.67 1.04 -29.28
N LEU B 422 -20.81 1.15 -30.61
CA LEU B 422 -19.65 0.95 -31.49
C LEU B 422 -18.57 1.98 -31.21
N ALA B 423 -18.97 3.24 -31.00
CA ALA B 423 -18.00 4.27 -30.66
C ALA B 423 -17.25 3.93 -29.37
N ALA B 424 -17.96 3.38 -28.37
CA ALA B 424 -17.28 2.91 -27.16
C ALA B 424 -16.23 1.86 -27.48
N LEU B 425 -16.59 0.86 -28.31
CA LEU B 425 -15.64 -0.21 -28.65
C LEU B 425 -14.45 0.31 -29.42
N ARG B 426 -14.68 1.24 -30.35
CA ARG B 426 -13.60 1.85 -31.12
C ARG B 426 -12.83 2.89 -30.33
N ALA B 427 -13.16 3.09 -29.05
CA ALA B 427 -12.32 3.88 -28.18
C ALA B 427 -11.12 3.10 -27.68
N ARG B 428 -11.09 1.79 -27.89
CA ARG B 428 -9.92 0.94 -27.60
C ARG B 428 -8.75 1.35 -28.47
N VAL C 2 9.67 5.93 8.14
CA VAL C 2 10.76 6.92 8.12
C VAL C 2 10.62 7.82 6.87
N ALA C 3 11.56 8.75 6.68
CA ALA C 3 11.50 9.73 5.61
C ALA C 3 12.42 9.34 4.47
N ASP C 4 11.93 9.47 3.23
CA ASP C 4 12.79 9.41 2.07
C ASP C 4 13.69 10.65 2.05
N SER C 5 14.94 10.49 1.61
CA SER C 5 15.90 11.59 1.68
C SER C 5 16.04 12.38 0.39
N ARG C 6 15.36 11.96 -0.68
CA ARG C 6 15.30 12.80 -1.86
C ARG C 6 14.42 14.01 -1.57
N LEU C 7 14.85 15.16 -2.02
CA LEU C 7 14.05 16.32 -1.70
C LEU C 7 13.42 16.93 -2.95
N PRO C 8 12.20 17.48 -2.87
CA PRO C 8 11.52 17.94 -4.09
C PRO C 8 11.98 19.32 -4.52
N ASN C 9 13.08 19.40 -5.27
CA ASN C 9 13.59 20.67 -5.80
C ASN C 9 13.75 21.70 -4.69
N PHE C 10 14.42 21.30 -3.61
CA PHE C 10 14.66 22.21 -2.51
C PHE C 10 15.40 23.46 -2.94
N ARG C 11 16.15 23.40 -4.05
CA ARG C 11 16.84 24.60 -4.55
C ARG C 11 15.87 25.74 -4.83
N ALA C 12 14.62 25.41 -5.17
CA ALA C 12 13.62 26.39 -5.57
C ALA C 12 12.79 26.94 -4.41
N LEU C 13 12.65 26.19 -3.32
CA LEU C 13 11.81 26.61 -2.22
C LEU C 13 12.47 27.72 -1.42
N THR C 14 11.65 28.48 -0.73
CA THR C 14 12.07 29.40 0.29
C THR C 14 12.43 28.63 1.56
N PRO C 15 13.18 29.25 2.47
CA PRO C 15 13.44 28.60 3.77
C PRO C 15 12.17 28.17 4.49
N ALA C 16 11.14 29.03 4.53
CA ALA C 16 9.86 28.66 5.13
C ALA C 16 9.28 27.41 4.48
N GLN C 17 9.37 27.33 3.14
CA GLN C 17 8.80 26.19 2.44
C GLN C 17 9.58 24.92 2.74
N ARG C 18 10.91 24.99 2.77
CA ARG C 18 11.71 23.83 3.15
C ARG C 18 11.37 23.37 4.56
N ARG C 19 11.30 24.32 5.49
CA ARG C 19 10.94 24.00 6.87
C ARG C 19 9.59 23.31 6.95
N ASP C 20 8.58 23.83 6.23
CA ASP C 20 7.28 23.18 6.31
C ASP C 20 7.30 21.81 5.67
N PHE C 21 8.10 21.62 4.62
CA PHE C 21 8.18 20.30 4.02
C PHE C 21 8.82 19.29 4.98
N LEU C 22 9.94 19.66 5.60
CA LEU C 22 10.58 18.76 6.56
C LEU C 22 9.65 18.43 7.72
N ALA C 23 8.81 19.38 8.13
CA ALA C 23 7.87 19.10 9.22
C ALA C 23 6.89 18.01 8.81
N ASP C 24 6.40 18.04 7.57
CA ASP C 24 5.48 17.02 7.10
C ASP C 24 6.21 15.69 6.85
N ALA C 25 7.29 15.72 6.08
CA ALA C 25 7.98 14.49 5.70
C ALA C 25 8.49 13.74 6.92
N CYS C 26 8.96 14.45 7.93
CA CYS C 26 9.41 13.80 9.16
C CYS C 26 8.31 13.67 10.19
N GLY C 27 7.09 14.11 9.88
CA GLY C 27 6.02 14.07 10.85
C GLY C 27 6.38 14.71 12.17
N LEU C 28 6.88 15.94 12.13
CA LEU C 28 7.24 16.62 13.36
C LEU C 28 5.99 17.02 14.14
N SER C 29 6.10 16.94 15.47
CA SER C 29 5.08 17.47 16.37
C SER C 29 4.93 18.98 16.19
N ASP C 30 3.82 19.51 16.72
CA ASP C 30 3.59 20.95 16.61
C ASP C 30 4.55 21.75 17.51
N ALA C 31 5.00 21.13 18.59
CA ALA C 31 6.04 21.75 19.40
C ALA C 31 7.37 21.80 18.65
N GLU C 32 7.70 20.74 17.88
CA GLU C 32 8.94 20.79 17.11
C GLU C 32 8.82 21.73 15.92
N ARG C 33 7.64 21.79 15.30
CA ARG C 33 7.42 22.80 14.26
C ARG C 33 7.60 24.20 14.84
N ALA C 34 7.12 24.42 16.07
CA ALA C 34 7.25 25.72 16.72
C ALA C 34 8.71 26.10 16.91
N LEU C 35 9.55 25.13 17.28
CA LEU C 35 10.98 25.36 17.42
C LEU C 35 11.59 25.96 16.15
N LEU C 36 11.11 25.53 14.97
CA LEU C 36 11.70 26.00 13.72
C LEU C 36 11.04 27.26 13.19
N ALA C 37 9.87 27.63 13.72
CA ALA C 37 9.07 28.73 13.20
C ALA C 37 9.69 30.09 13.48
N ALA C 38 10.73 30.17 14.30
CA ALA C 38 11.24 31.46 14.73
C ALA C 38 12.66 31.28 15.22
N PRO C 39 13.47 32.34 15.18
CA PRO C 39 14.83 32.24 15.73
C PRO C 39 14.79 31.98 17.22
N GLY C 40 15.97 31.73 17.78
CA GLY C 40 16.06 31.54 19.21
C GLY C 40 15.59 30.19 19.68
N ALA C 41 15.88 29.13 18.92
CA ALA C 41 15.49 27.80 19.37
C ALA C 41 16.22 27.41 20.64
N LEU C 42 17.39 28.01 20.91
CA LEU C 42 18.15 27.70 22.11
C LEU C 42 17.87 28.80 23.11
N PRO C 43 17.14 28.53 24.20
CA PRO C 43 16.85 29.59 25.15
C PRO C 43 18.12 30.13 25.77
N LEU C 44 18.19 31.46 25.88
CA LEU C 44 19.34 32.11 26.49
C LEU C 44 19.61 31.59 27.90
N ALA C 45 18.56 31.35 28.70
CA ALA C 45 18.80 30.89 30.06
C ALA C 45 19.48 29.54 30.05
N LEU C 46 19.13 28.68 29.09
CA LEU C 46 19.77 27.37 28.98
C LEU C 46 21.24 27.51 28.53
N ALA C 47 21.48 28.35 27.52
CA ALA C 47 22.85 28.62 27.07
C ALA C 47 23.73 29.10 28.21
N ASP C 48 23.18 30.00 29.05
CA ASP C 48 23.85 30.52 30.24
C ASP C 48 24.36 29.41 31.16
N GLY C 49 23.66 28.27 31.23
CA GLY C 49 24.10 27.17 32.05
C GLY C 49 25.01 26.19 31.36
N MET C 50 25.19 26.35 30.04
CA MET C 50 26.04 25.47 29.25
C MET C 50 27.48 25.95 29.22
N ILE C 51 27.71 27.25 29.07
CA ILE C 51 29.03 27.84 29.07
C ILE C 51 29.00 29.09 29.97
N GLU C 52 30.13 29.78 30.02
CA GLU C 52 30.35 30.90 30.93
C GLU C 52 30.32 32.24 30.21
N ASN C 53 29.96 33.29 30.94
CA ASN C 53 29.91 34.66 30.44
C ASN C 53 29.00 34.80 29.22
N VAL C 54 27.91 34.03 29.18
CA VAL C 54 26.99 34.13 28.07
C VAL C 54 26.33 35.51 28.02
N PHE C 55 26.43 36.18 26.87
CA PHE C 55 25.65 37.37 26.62
C PHE C 55 24.73 37.23 25.40
N GLY C 56 24.67 36.05 24.79
CA GLY C 56 23.78 35.84 23.66
C GLY C 56 24.06 34.52 22.97
N SER C 57 23.64 34.43 21.71
CA SER C 57 23.84 33.24 20.91
C SER C 57 24.36 33.64 19.53
N PHE C 58 25.10 32.73 18.90
CA PHE C 58 25.67 32.95 17.59
C PHE C 58 25.05 31.96 16.62
N GLU C 59 24.46 32.46 15.54
CA GLU C 59 23.74 31.63 14.60
C GLU C 59 24.64 31.16 13.47
N LEU C 60 24.61 29.85 13.21
CA LEU C 60 25.09 29.35 11.94
C LEU C 60 23.92 29.11 11.00
N PRO C 61 24.06 29.38 9.71
CA PRO C 61 23.07 28.91 8.76
C PRO C 61 22.83 27.41 8.94
N LEU C 62 21.59 26.98 8.70
CA LEU C 62 21.23 25.58 8.91
C LEU C 62 20.47 25.08 7.68
N GLY C 63 21.11 24.20 6.92
CA GLY C 63 20.48 23.53 5.81
C GLY C 63 20.46 22.03 6.03
N VAL C 64 19.98 21.32 5.01
CA VAL C 64 19.87 19.86 5.05
C VAL C 64 20.42 19.32 3.73
N ALA C 65 21.29 18.32 3.80
CA ALA C 65 21.77 17.67 2.58
C ALA C 65 20.84 16.52 2.25
N GLY C 66 20.40 16.46 0.99
CA GLY C 66 19.50 15.42 0.55
C GLY C 66 20.22 14.22 -0.07
N ASN C 67 19.46 13.16 -0.29
CA ASN C 67 19.75 11.98 -1.10
C ASN C 67 20.62 10.92 -0.42
N PHE C 68 21.10 11.13 0.81
CA PHE C 68 21.95 10.14 1.45
C PHE C 68 21.17 8.87 1.75
N ARG C 69 21.73 7.75 1.34
CA ARG C 69 21.26 6.44 1.70
C ARG C 69 22.48 5.70 2.21
N VAL C 70 22.41 5.20 3.44
CA VAL C 70 23.51 4.49 4.06
C VAL C 70 23.01 3.11 4.50
N ASN C 71 23.71 2.06 4.06
CA ASN C 71 23.27 0.67 4.29
C ASN C 71 21.77 0.53 4.05
N GLY C 72 21.33 1.03 2.89
CA GLY C 72 19.97 0.81 2.43
C GLY C 72 18.92 1.62 3.14
N ARG C 73 19.31 2.65 3.88
CA ARG C 73 18.39 3.44 4.68
C ARG C 73 18.60 4.93 4.39
N ASP C 74 17.55 5.60 3.94
CA ASP C 74 17.65 7.03 3.69
C ASP C 74 17.86 7.78 5.00
N VAL C 75 18.67 8.84 4.96
CA VAL C 75 18.87 9.68 6.13
C VAL C 75 19.02 11.11 5.66
N LEU C 76 18.26 12.01 6.26
CA LEU C 76 18.39 13.44 6.00
C LEU C 76 19.52 13.98 6.85
N VAL C 77 20.33 14.86 6.25
CA VAL C 77 21.55 15.28 6.92
C VAL C 77 21.52 16.79 7.17
N PRO C 78 21.12 17.23 8.36
CA PRO C 78 21.22 18.65 8.69
C PRO C 78 22.67 19.07 8.80
N MET C 79 22.96 20.29 8.37
CA MET C 79 24.32 20.80 8.37
C MET C 79 24.34 22.26 8.80
N ALA C 80 25.11 22.56 9.84
CA ALA C 80 25.29 23.91 10.36
C ALA C 80 26.68 24.39 9.94
N VAL C 81 26.73 25.34 9.02
CA VAL C 81 28.00 25.78 8.43
C VAL C 81 27.78 27.13 7.76
N GLU C 82 28.89 27.86 7.52
CA GLU C 82 28.82 29.19 6.92
C GLU C 82 29.27 29.24 5.47
N GLU C 83 29.82 28.16 4.92
CA GLU C 83 30.54 28.24 3.66
C GLU C 83 29.66 27.84 2.48
N PRO C 84 29.73 28.62 1.39
CA PRO C 84 28.93 28.27 0.21
C PRO C 84 29.35 26.94 -0.38
N SER C 85 28.38 26.24 -0.97
CA SER C 85 28.54 25.11 -1.88
C SER C 85 28.85 23.80 -1.17
N VAL C 86 29.12 23.83 0.14
CA VAL C 86 29.36 22.61 0.90
C VAL C 86 28.11 21.74 0.94
N VAL C 87 26.98 22.33 1.30
CA VAL C 87 25.75 21.55 1.38
C VAL C 87 25.37 21.00 0.02
N ALA C 88 25.47 21.83 -1.03
CA ALA C 88 25.12 21.38 -2.37
C ALA C 88 25.99 20.21 -2.83
N ALA C 89 27.31 20.28 -2.57
CA ALA C 89 28.21 19.20 -2.95
C ALA C 89 27.84 17.89 -2.27
N ALA C 90 27.55 17.92 -0.97
CA ALA C 90 27.12 16.71 -0.28
C ALA C 90 25.88 16.12 -0.94
N SER C 91 24.88 16.95 -1.26
CA SER C 91 23.63 16.45 -1.85
C SER C 91 23.86 15.84 -3.21
N TYR C 92 24.60 16.54 -4.07
CA TYR C 92 24.81 16.04 -5.43
C TYR C 92 25.63 14.75 -5.41
N MET C 93 26.70 14.69 -4.61
CA MET C 93 27.43 13.43 -4.52
C MET C 93 26.57 12.32 -3.92
N ALA C 94 25.73 12.65 -2.92
CA ALA C 94 24.83 11.64 -2.38
C ALA C 94 23.90 11.11 -3.46
N LYS C 95 23.44 12.00 -4.35
CA LYS C 95 22.52 11.60 -5.41
C LYS C 95 23.18 10.65 -6.40
N LEU C 96 24.43 10.94 -6.80
CA LEU C 96 25.18 10.01 -7.65
C LEU C 96 25.37 8.66 -6.97
N ALA C 97 25.66 8.67 -5.67
CA ALA C 97 25.86 7.41 -4.92
C ALA C 97 24.61 6.55 -4.89
N ARG C 98 23.42 7.18 -4.93
CA ARG C 98 22.17 6.42 -4.90
C ARG C 98 22.08 5.40 -6.03
N GLU C 99 22.67 5.73 -7.17
CA GLU C 99 22.54 4.86 -8.33
C GLU C 99 23.15 3.49 -8.05
N ASP C 100 24.21 3.40 -7.25
CA ASP C 100 24.77 2.11 -6.82
C ASP C 100 24.21 1.62 -5.48
N GLY C 101 23.23 2.32 -4.92
CA GLY C 101 22.62 1.88 -3.69
C GLY C 101 22.98 2.69 -2.48
N GLY C 102 23.70 3.80 -2.65
CA GLY C 102 24.09 4.63 -1.53
C GLY C 102 25.42 4.19 -0.97
N PHE C 103 25.64 4.49 0.31
CA PHE C 103 26.91 4.19 0.94
C PHE C 103 26.77 2.90 1.74
N GLN C 104 27.90 2.21 1.88
CA GLN C 104 28.02 1.05 2.74
C GLN C 104 28.98 1.43 3.86
N THR C 105 28.52 1.26 5.10
CA THR C 105 29.27 1.68 6.28
C THR C 105 29.34 0.54 7.29
N SER C 106 30.30 0.66 8.21
CA SER C 106 30.40 -0.19 9.39
C SER C 106 31.19 0.57 10.45
N SER C 107 31.27 0.01 11.65
CA SER C 107 32.07 0.64 12.70
C SER C 107 32.53 -0.40 13.69
N THR C 108 33.58 -0.05 14.42
CA THR C 108 33.98 -0.82 15.59
C THR C 108 32.99 -0.54 16.74
N LEU C 109 33.17 -1.27 17.84
CA LEU C 109 32.48 -0.95 19.08
C LEU C 109 32.78 0.48 19.52
N PRO C 110 31.91 1.09 20.36
CA PRO C 110 32.19 2.49 20.80
C PRO C 110 33.20 2.55 21.95
N LEU C 111 34.47 2.32 21.60
CA LEU C 111 35.53 2.14 22.59
C LEU C 111 36.39 3.39 22.68
N MET C 112 36.53 3.93 23.91
CA MET C 112 37.34 5.10 24.17
C MET C 112 38.51 4.74 25.09
N ARG C 113 39.63 5.45 24.93
CA ARG C 113 40.80 5.30 25.76
C ARG C 113 40.77 6.33 26.88
N ALA C 114 41.02 5.89 28.11
CA ALA C 114 41.27 6.77 29.26
C ALA C 114 42.72 6.56 29.70
N GLN C 115 43.56 7.58 29.56
CA GLN C 115 44.96 7.51 29.94
C GLN C 115 45.11 7.83 31.41
N VAL C 116 45.98 7.10 32.09
CA VAL C 116 46.35 7.37 33.46
C VAL C 116 47.86 7.45 33.50
N GLN C 117 48.39 8.62 33.81
CA GLN C 117 49.81 8.90 33.69
C GLN C 117 50.46 8.72 35.05
N VAL C 118 51.45 7.84 35.12
CA VAL C 118 52.12 7.47 36.37
C VAL C 118 53.59 7.88 36.25
N LEU C 119 54.05 8.63 37.24
CA LEU C 119 55.40 9.17 37.30
C LEU C 119 56.12 8.61 38.52
N GLY C 120 57.44 8.78 38.54
CA GLY C 120 58.25 8.30 39.64
C GLY C 120 58.35 6.79 39.79
N VAL C 121 58.03 6.01 38.77
CA VAL C 121 58.16 4.55 38.83
C VAL C 121 59.55 4.19 38.30
N THR C 122 60.47 3.79 39.18
CA THR C 122 61.84 3.53 38.70
C THR C 122 61.93 2.28 37.85
N ASP C 123 60.98 1.36 37.93
CA ASP C 123 60.98 0.14 37.13
C ASP C 123 59.68 0.07 36.33
N PRO C 124 59.49 0.97 35.36
CA PRO C 124 58.22 1.00 34.64
C PRO C 124 57.92 -0.29 33.91
N HIS C 125 58.92 -0.89 33.26
CA HIS C 125 58.74 -2.17 32.58
C HIS C 125 58.23 -3.25 33.52
N GLY C 126 58.85 -3.36 34.70
CA GLY C 126 58.37 -4.32 35.68
C GLY C 126 56.97 -3.98 36.19
N ALA C 127 56.76 -2.72 36.57
CA ALA C 127 55.46 -2.29 37.07
C ALA C 127 54.36 -2.51 36.05
N ARG C 128 54.68 -2.37 34.75
CA ARG C 128 53.66 -2.60 33.74
C ARG C 128 53.14 -4.02 33.82
N LEU C 129 54.05 -4.99 33.95
CA LEU C 129 53.61 -6.38 34.09
C LEU C 129 52.71 -6.55 35.33
N ALA C 130 53.01 -5.83 36.41
CA ALA C 130 52.17 -5.93 37.61
C ALA C 130 50.79 -5.36 37.38
N VAL C 131 50.71 -4.23 36.67
CA VAL C 131 49.40 -3.66 36.34
C VAL C 131 48.61 -4.62 35.46
N LEU C 132 49.26 -5.16 34.42
CA LEU C 132 48.55 -6.07 33.53
C LEU C 132 48.10 -7.32 34.27
N GLN C 133 48.90 -7.77 35.24
CA GLN C 133 48.48 -8.91 36.04
C GLN C 133 47.26 -8.57 36.91
N ALA C 134 47.12 -7.32 37.35
CA ALA C 134 45.97 -6.87 38.12
C ALA C 134 44.84 -6.34 37.23
N ARG C 135 44.79 -6.78 35.98
CA ARG C 135 43.82 -6.32 34.99
C ARG C 135 42.37 -6.35 35.50
N ALA C 136 41.94 -7.48 36.08
CA ALA C 136 40.53 -7.64 36.41
C ALA C 136 40.14 -6.82 37.63
N GLN C 137 41.08 -6.64 38.57
CA GLN C 137 40.80 -5.78 39.70
C GLN C 137 40.69 -4.32 39.25
N ILE C 138 41.46 -3.93 38.24
CA ILE C 138 41.41 -2.55 37.76
C ILE C 138 40.10 -2.32 36.99
N ILE C 139 39.74 -3.26 36.12
CA ILE C 139 38.50 -3.11 35.35
C ILE C 139 37.31 -3.03 36.28
N GLU C 140 37.28 -3.85 37.33
CA GLU C 140 36.13 -3.83 38.22
C GLU C 140 36.08 -2.54 39.02
N ARG C 141 37.23 -2.00 39.43
CA ARG C 141 37.22 -0.69 40.08
C ARG C 141 36.73 0.40 39.12
N ALA C 142 37.12 0.30 37.84
CA ALA C 142 36.67 1.31 36.88
C ALA C 142 35.15 1.28 36.71
N ASN C 143 34.53 0.10 36.84
CA ASN C 143 33.13 -0.10 36.52
C ASN C 143 32.20 0.01 37.72
N SER C 144 32.73 0.36 38.90
CA SER C 144 31.90 0.30 40.09
C SER C 144 30.91 1.44 40.22
N ARG C 145 31.13 2.57 39.53
CA ARG C 145 30.29 3.74 39.78
C ARG C 145 29.22 3.98 38.72
N ASP C 146 29.53 3.82 37.42
CA ASP C 146 28.59 4.23 36.37
C ASP C 146 27.59 3.10 36.11
N LYS C 147 26.62 2.98 37.03
CA LYS C 147 25.66 1.89 36.97
C LYS C 147 24.79 1.97 35.70
N VAL C 148 24.45 3.18 35.25
CA VAL C 148 23.67 3.34 34.02
C VAL C 148 24.43 2.79 32.82
N LEU C 149 25.71 3.14 32.70
CA LEU C 149 26.49 2.62 31.57
C LEU C 149 26.61 1.10 31.65
N ILE C 150 26.93 0.56 32.84
CA ILE C 150 27.09 -0.88 32.98
C ILE C 150 25.80 -1.62 32.63
N GLY C 151 24.66 -1.09 33.09
CA GLY C 151 23.38 -1.71 32.80
C GLY C 151 23.04 -1.74 31.33
N LEU C 152 23.52 -0.74 30.57
CA LEU C 152 23.38 -0.72 29.12
C LEU C 152 24.39 -1.63 28.41
N GLY C 153 25.29 -2.28 29.13
CA GLY C 153 26.27 -3.14 28.50
C GLY C 153 27.61 -2.48 28.24
N GLY C 154 27.77 -1.21 28.61
CA GLY C 154 29.04 -0.52 28.46
C GLY C 154 29.94 -0.77 29.65
N GLY C 155 30.93 0.10 29.80
CA GLY C 155 31.90 0.01 30.88
C GLY C 155 33.26 -0.41 30.37
N CYS C 156 34.22 -0.44 31.29
CA CYS C 156 35.60 -0.80 30.95
C CYS C 156 35.68 -2.26 30.55
N LYS C 157 36.19 -2.52 29.34
CA LYS C 157 36.35 -3.87 28.81
C LYS C 157 37.77 -4.41 28.92
N ASP C 158 38.78 -3.55 29.04
CA ASP C 158 40.15 -3.98 28.86
C ASP C 158 41.05 -2.84 29.28
N ILE C 159 42.32 -3.16 29.47
CA ILE C 159 43.33 -2.14 29.74
C ILE C 159 44.54 -2.42 28.85
N GLU C 160 45.33 -1.36 28.67
CA GLU C 160 46.66 -1.41 28.07
C GLU C 160 47.61 -0.64 28.97
N VAL C 161 48.89 -0.97 28.90
CA VAL C 161 49.93 -0.20 29.57
C VAL C 161 51.01 0.13 28.57
N HIS C 162 51.42 1.40 28.54
CA HIS C 162 52.45 1.84 27.61
C HIS C 162 53.52 2.57 28.39
N VAL C 163 54.79 2.24 28.16
CA VAL C 163 55.91 2.75 28.94
C VAL C 163 56.77 3.65 28.07
N PHE C 164 57.11 4.83 28.59
CA PHE C 164 58.09 5.76 28.02
C PHE C 164 59.22 5.84 29.04
N PRO C 165 60.26 5.00 28.91
CA PRO C 165 61.21 4.84 30.02
C PRO C 165 62.18 6.01 30.16
N ASP C 166 62.33 6.85 29.14
CA ASP C 166 63.34 7.89 29.18
C ASP C 166 62.74 9.21 28.67
N THR C 167 62.42 10.12 29.59
CA THR C 167 61.89 11.44 29.27
C THR C 167 62.55 12.45 30.20
N PRO C 168 62.56 13.73 29.82
CA PRO C 168 63.11 14.75 30.73
C PRO C 168 62.34 14.89 32.03
N ARG C 169 61.19 14.24 32.17
CA ARG C 169 60.49 14.23 33.44
C ARG C 169 60.61 12.88 34.14
N GLY C 170 61.51 12.02 33.67
CA GLY C 170 61.65 10.70 34.24
C GLY C 170 60.77 9.72 33.51
N PRO C 171 60.83 8.44 33.87
CA PRO C 171 60.03 7.45 33.14
C PRO C 171 58.56 7.69 33.38
N MET C 172 57.77 7.40 32.35
CA MET C 172 56.32 7.56 32.41
C MET C 172 55.70 6.23 32.05
N LEU C 173 54.83 5.75 32.94
CA LEU C 173 54.01 4.57 32.71
C LEU C 173 52.58 5.03 32.49
N VAL C 174 51.96 4.60 31.39
CA VAL C 174 50.64 5.13 31.04
C VAL C 174 49.65 3.98 30.85
N VAL C 175 48.73 3.83 31.81
CA VAL C 175 47.62 2.90 31.65
C VAL C 175 46.60 3.51 30.69
N HIS C 176 46.06 2.68 29.79
CA HIS C 176 44.88 3.00 29.01
C HIS C 176 43.75 2.10 29.48
N LEU C 177 42.73 2.68 30.11
CA LEU C 177 41.44 2.00 30.21
C LEU C 177 40.75 2.02 28.85
N ILE C 178 40.23 0.87 28.43
CA ILE C 178 39.48 0.72 27.18
C ILE C 178 38.02 0.56 27.58
N VAL C 179 37.20 1.55 27.20
CA VAL C 179 35.87 1.73 27.79
C VAL C 179 34.83 1.77 26.68
N ASP C 180 33.86 0.87 26.75
CA ASP C 180 32.70 0.94 25.88
C ASP C 180 31.74 1.98 26.44
N VAL C 181 31.53 3.07 25.70
CA VAL C 181 30.71 4.18 26.17
C VAL C 181 29.35 4.22 25.48
N ARG C 182 28.92 3.11 24.88
CA ARG C 182 27.59 2.98 24.28
C ARG C 182 27.26 4.13 23.35
N ASP C 183 26.24 4.93 23.71
CA ASP C 183 25.72 5.97 22.84
C ASP C 183 26.23 7.36 23.21
N ALA C 184 27.16 7.44 24.17
CA ALA C 184 27.78 8.70 24.53
C ALA C 184 29.08 8.91 23.75
N MET C 185 29.47 10.17 23.60
CA MET C 185 30.81 10.45 23.09
C MET C 185 31.86 9.96 24.08
N GLY C 186 31.60 10.12 25.38
CA GLY C 186 32.30 9.38 26.42
C GLY C 186 33.36 10.13 27.20
N ALA C 187 33.60 11.40 26.90
CA ALA C 187 34.71 12.12 27.55
C ALA C 187 34.56 12.10 29.07
N ASN C 188 33.46 12.65 29.60
CA ASN C 188 33.30 12.66 31.06
C ASN C 188 33.18 11.25 31.62
N THR C 189 32.61 10.32 30.87
CA THR C 189 32.45 8.96 31.35
C THR C 189 33.80 8.32 31.67
N VAL C 190 34.72 8.32 30.70
CA VAL C 190 35.99 7.65 30.93
C VAL C 190 36.90 8.51 31.81
N ASN C 191 36.72 9.83 31.79
CA ASN C 191 37.51 10.66 32.70
C ASN C 191 37.26 10.25 34.15
N THR C 192 35.99 10.14 34.54
CA THR C 192 35.66 9.69 35.88
C THR C 192 36.32 8.34 36.18
N MET C 193 36.29 7.39 35.23
CA MET C 193 36.87 6.07 35.48
C MET C 193 38.38 6.15 35.70
N ALA C 194 39.09 6.95 34.89
CA ALA C 194 40.52 7.13 35.08
C ALA C 194 40.83 7.69 36.45
N GLU C 195 40.06 8.69 36.88
CA GLU C 195 40.21 9.21 38.23
C GLU C 195 39.98 8.13 39.28
N SER C 196 39.03 7.22 39.04
CA SER C 196 38.62 6.26 40.07
C SER C 196 39.70 5.22 40.35
N VAL C 197 40.41 4.79 39.30
CA VAL C 197 41.41 3.74 39.44
C VAL C 197 42.75 4.27 39.93
N ALA C 198 42.90 5.59 40.03
CA ALA C 198 44.23 6.15 40.32
C ALA C 198 44.79 5.68 41.65
N PRO C 199 44.02 5.60 42.76
CA PRO C 199 44.60 5.02 43.99
C PRO C 199 45.13 3.61 43.78
N LEU C 200 44.38 2.76 43.08
CA LEU C 200 44.79 1.38 42.88
C LEU C 200 46.04 1.29 42.02
N VAL C 201 46.16 2.18 41.04
CA VAL C 201 47.35 2.18 40.19
C VAL C 201 48.56 2.68 40.97
N GLU C 202 48.37 3.70 41.81
CA GLU C 202 49.44 4.14 42.69
C GLU C 202 49.88 3.01 43.62
N LYS C 203 48.92 2.22 44.12
CA LYS C 203 49.27 1.10 44.97
C LYS C 203 50.05 0.04 44.20
N ILE C 204 49.55 -0.35 43.02
CA ILE C 204 50.19 -1.41 42.25
C ILE C 204 51.59 -0.99 41.78
N THR C 205 51.72 0.22 41.24
CA THR C 205 52.98 0.66 40.66
C THR C 205 53.94 1.24 41.68
N GLY C 206 53.45 1.73 42.81
CA GLY C 206 54.27 2.53 43.70
C GLY C 206 54.62 3.91 43.21
N GLY C 207 53.97 4.40 42.14
CA GLY C 207 54.23 5.71 41.59
C GLY C 207 53.15 6.74 41.90
N SER C 208 53.28 7.91 41.25
CA SER C 208 52.35 9.02 41.41
C SER C 208 51.56 9.23 40.13
N VAL C 209 50.23 9.20 40.22
CA VAL C 209 49.39 9.51 39.07
C VAL C 209 49.31 11.02 38.91
N ARG C 210 49.57 11.48 37.69
CA ARG C 210 49.42 12.87 37.36
C ARG C 210 48.14 12.99 36.52
N LEU C 211 48.22 12.92 35.20
CA LEU C 211 47.05 13.16 34.37
C LEU C 211 46.11 11.96 34.37
N ARG C 212 44.82 12.23 34.49
CA ARG C 212 43.76 11.25 34.28
C ARG C 212 42.80 11.87 33.29
N ILE C 213 42.75 11.33 32.07
CA ILE C 213 42.18 12.08 30.97
C ILE C 213 42.02 11.16 29.78
N LEU C 214 40.94 11.33 29.02
CA LEU C 214 40.73 10.57 27.80
C LEU C 214 41.77 10.95 26.75
N SER C 215 41.90 10.07 25.76
CA SER C 215 42.64 10.37 24.54
C SER C 215 41.66 10.74 23.43
N ASN C 216 41.93 11.86 22.76
CA ASN C 216 41.14 12.20 21.59
C ASN C 216 41.60 11.47 20.34
N LEU C 217 42.73 10.75 20.40
CA LEU C 217 43.10 9.88 19.28
C LEU C 217 42.33 8.58 19.43
N ALA C 218 41.03 8.65 19.11
CA ALA C 218 40.12 7.54 19.41
C ALA C 218 40.17 6.48 18.31
N ASP C 219 41.36 5.88 18.18
CA ASP C 219 41.56 4.93 17.10
C ASP C 219 40.99 3.55 17.41
N LEU C 220 40.29 3.39 18.54
CA LEU C 220 39.55 2.17 18.82
C LEU C 220 38.04 2.34 18.59
N ARG C 221 37.61 3.53 18.15
CA ARG C 221 36.22 3.86 17.81
C ARG C 221 36.22 4.43 16.39
N LEU C 222 36.25 3.55 15.41
CA LEU C 222 36.39 3.93 14.01
C LEU C 222 35.08 3.77 13.26
N ALA C 223 34.77 4.73 12.40
CA ALA C 223 33.69 4.63 11.43
C ALA C 223 34.30 4.44 10.04
N ARG C 224 33.66 3.60 9.24
CA ARG C 224 34.12 3.25 7.90
C ARG C 224 32.99 3.47 6.89
N ALA C 225 33.34 3.96 5.71
CA ALA C 225 32.32 4.11 4.68
C ALA C 225 32.96 3.91 3.31
N ARG C 226 32.15 3.41 2.37
CA ARG C 226 32.62 3.25 1.02
C ARG C 226 31.48 3.50 0.04
N VAL C 227 31.86 3.86 -1.19
CA VAL C 227 30.91 4.14 -2.25
C VAL C 227 31.49 3.66 -3.56
N ARG C 228 30.63 3.24 -4.46
CA ARG C 228 31.01 2.81 -5.79
C ARG C 228 30.17 3.58 -6.80
N LEU C 229 30.82 4.04 -7.86
CA LEU C 229 30.19 4.85 -8.90
C LEU C 229 30.71 4.39 -10.26
N THR C 230 29.81 3.94 -11.13
CA THR C 230 30.21 3.50 -12.46
C THR C 230 30.51 4.68 -13.38
N PRO C 231 31.28 4.46 -14.45
CA PRO C 231 31.49 5.54 -15.43
C PRO C 231 30.19 6.12 -15.98
N GLN C 232 29.17 5.27 -16.16
CA GLN C 232 27.86 5.73 -16.59
C GLN C 232 27.31 6.76 -15.60
N THR C 233 27.36 6.44 -14.31
CA THR C 233 26.85 7.35 -13.30
C THR C 233 27.58 8.69 -13.32
N LEU C 234 28.90 8.66 -13.51
CA LEU C 234 29.72 9.87 -13.45
C LEU C 234 29.76 10.64 -14.76
N ALA C 235 29.21 10.09 -15.84
CA ALA C 235 29.29 10.76 -17.13
C ALA C 235 28.51 12.08 -17.10
N THR C 236 29.02 13.06 -17.83
CA THR C 236 28.34 14.35 -18.02
C THR C 236 28.22 14.65 -19.52
N GLN C 237 27.60 15.77 -19.83
CA GLN C 237 27.48 16.17 -21.23
C GLN C 237 28.83 16.57 -21.82
N ASP C 238 29.73 17.15 -21.01
CA ASP C 238 31.02 17.62 -21.50
C ASP C 238 32.17 16.67 -21.23
N ARG C 239 32.02 15.72 -20.31
CA ARG C 239 33.08 14.78 -19.97
C ARG C 239 32.52 13.40 -19.71
N SER C 240 33.17 12.38 -20.28
CA SER C 240 32.82 11.00 -20.02
C SER C 240 33.19 10.60 -18.59
N GLY C 241 32.45 9.62 -18.05
CA GLY C 241 32.73 9.15 -16.71
C GLY C 241 34.13 8.58 -16.55
N GLU C 242 34.63 7.90 -17.59
CA GLU C 242 35.98 7.35 -17.53
C GLU C 242 37.02 8.45 -17.32
N GLU C 243 36.85 9.59 -17.97
CA GLU C 243 37.88 10.61 -17.81
C GLU C 243 37.70 11.38 -16.49
N ILE C 244 36.47 11.52 -16.00
CA ILE C 244 36.29 12.09 -14.66
C ILE C 244 36.86 11.14 -13.61
N ILE C 245 36.65 9.82 -13.78
CA ILE C 245 37.21 8.85 -12.84
C ILE C 245 38.72 8.96 -12.78
N GLU C 246 39.37 9.10 -13.95
CA GLU C 246 40.83 9.24 -13.96
C GLU C 246 41.25 10.54 -13.32
N GLY C 247 40.53 11.64 -13.59
CA GLY C 247 40.83 12.89 -12.93
C GLY C 247 40.76 12.79 -11.42
N VAL C 248 39.80 12.00 -10.92
CA VAL C 248 39.67 11.85 -9.47
C VAL C 248 40.84 11.07 -8.89
N LEU C 249 41.31 10.04 -9.62
CA LEU C 249 42.51 9.32 -9.20
C LEU C 249 43.74 10.23 -9.19
N ASP C 250 43.91 11.05 -10.25
CA ASP C 250 44.97 12.06 -10.25
C ASP C 250 44.92 12.95 -9.03
N ALA C 251 43.72 13.43 -8.69
CA ALA C 251 43.58 14.29 -7.51
C ALA C 251 43.94 13.53 -6.25
N TYR C 252 43.41 12.31 -6.10
CA TYR C 252 43.59 11.61 -4.84
C TYR C 252 45.06 11.29 -4.57
N THR C 253 45.76 10.74 -5.58
CA THR C 253 47.15 10.33 -5.34
C THR C 253 47.99 11.52 -4.89
N PHE C 254 47.73 12.69 -5.48
CA PHE C 254 48.30 13.95 -5.03
C PHE C 254 48.19 14.11 -3.50
N ALA C 255 46.99 13.87 -2.95
CA ALA C 255 46.80 13.96 -1.49
C ALA C 255 47.56 12.85 -0.76
N ALA C 256 47.62 11.66 -1.36
CA ALA C 256 48.30 10.56 -0.70
C ALA C 256 49.79 10.83 -0.52
N ILE C 257 50.42 11.54 -1.47
CA ILE C 257 51.87 11.69 -1.45
C ILE C 257 52.34 13.06 -0.95
N ASP C 258 51.48 14.08 -1.02
CA ASP C 258 51.88 15.43 -0.62
C ASP C 258 51.05 15.93 0.56
N PRO C 259 51.66 16.11 1.74
CA PRO C 259 50.90 16.68 2.86
C PRO C 259 50.33 18.07 2.60
N TYR C 260 50.91 18.85 1.66
CA TYR C 260 50.34 20.17 1.39
C TYR C 260 48.97 20.05 0.75
N ARG C 261 48.75 18.99 -0.02
CA ARG C 261 47.44 18.69 -0.59
C ARG C 261 46.57 17.92 0.39
N ALA C 262 47.18 16.98 1.14
CA ALA C 262 46.41 16.17 2.10
C ALA C 262 45.64 17.03 3.09
N ALA C 263 46.23 18.15 3.54
CA ALA C 263 45.53 18.97 4.53
C ALA C 263 44.26 19.58 3.96
N THR C 264 44.33 20.07 2.72
CA THR C 264 43.19 20.63 2.00
C THR C 264 42.17 19.54 1.69
N HIS C 265 42.67 18.41 1.21
CA HIS C 265 41.87 17.22 0.95
C HIS C 265 41.09 16.78 2.19
N ASN C 266 41.76 16.68 3.35
CA ASN C 266 41.04 16.31 4.57
C ASN C 266 40.16 17.45 5.08
N LYS C 267 40.59 18.70 4.89
CA LYS C 267 39.70 19.82 5.21
C LYS C 267 38.37 19.67 4.49
N GLY C 268 38.42 19.30 3.20
CA GLY C 268 37.19 19.00 2.48
C GLY C 268 36.34 17.95 3.17
N ILE C 269 36.96 16.88 3.67
CA ILE C 269 36.21 15.85 4.38
C ILE C 269 35.48 16.44 5.58
N MET C 270 36.15 17.31 6.33
CA MET C 270 35.55 17.88 7.53
C MET C 270 34.55 18.98 7.22
N ASN C 271 34.59 19.57 6.02
CA ASN C 271 33.49 20.41 5.56
C ASN C 271 32.17 19.63 5.61
N GLY C 272 32.21 18.34 5.31
CA GLY C 272 31.02 17.52 5.35
C GLY C 272 30.70 17.00 6.75
N ILE C 273 31.73 16.69 7.52
CA ILE C 273 31.53 16.04 8.81
C ILE C 273 31.13 17.06 9.87
N ASP C 274 31.98 18.06 10.09
CA ASP C 274 31.77 19.02 11.17
C ASP C 274 30.37 19.60 11.23
N PRO C 275 29.76 20.06 10.14
CA PRO C 275 28.43 20.67 10.27
C PRO C 275 27.36 19.69 10.75
N VAL C 276 27.52 18.38 10.51
CA VAL C 276 26.64 17.41 11.14
C VAL C 276 26.94 17.32 12.62
N ILE C 277 28.23 17.34 12.96
CA ILE C 277 28.62 17.31 14.37
C ILE C 277 28.00 18.49 15.12
N VAL C 278 28.13 19.69 14.55
CA VAL C 278 27.59 20.88 15.19
C VAL C 278 26.08 20.81 15.29
N ALA C 279 25.41 20.49 14.17
CA ALA C 279 23.94 20.46 14.17
C ALA C 279 23.37 19.41 15.11
N THR C 280 24.15 18.41 15.52
CA THR C 280 23.66 17.41 16.47
C THR C 280 24.12 17.69 17.91
N GLY C 281 24.72 18.85 18.16
CA GLY C 281 25.12 19.21 19.51
C GLY C 281 26.32 18.47 20.03
N ASN C 282 27.17 17.98 19.13
CA ASN C 282 28.37 17.24 19.48
C ASN C 282 29.59 18.15 19.46
N ASP C 283 30.67 17.68 20.08
CA ASP C 283 31.91 18.43 20.22
C ASP C 283 32.71 18.33 18.91
N TRP C 284 32.78 19.42 18.14
CA TRP C 284 33.46 19.35 16.85
C TRP C 284 34.98 19.40 16.99
N ARG C 285 35.49 20.00 18.07
CA ARG C 285 36.93 19.96 18.29
C ARG C 285 37.42 18.53 18.52
N ALA C 286 36.62 17.72 19.22
CA ALA C 286 37.02 16.34 19.47
C ALA C 286 37.06 15.53 18.17
N VAL C 287 36.06 15.69 17.30
CA VAL C 287 36.05 14.99 16.02
C VAL C 287 37.21 15.45 15.14
N GLU C 288 37.49 16.76 15.15
CA GLU C 288 38.57 17.31 14.34
C GLU C 288 39.92 16.84 14.81
N ALA C 289 40.12 16.75 16.12
CA ALA C 289 41.38 16.26 16.64
C ALA C 289 41.58 14.79 16.27
N GLY C 290 40.56 13.96 16.52
CA GLY C 290 40.70 12.54 16.22
C GLY C 290 40.99 12.29 14.75
N ALA C 291 40.31 13.01 13.87
CA ALA C 291 40.44 12.77 12.44
C ALA C 291 41.84 13.15 11.93
N HIS C 292 42.29 14.36 12.24
CA HIS C 292 43.59 14.80 11.73
C HIS C 292 44.75 14.08 12.39
N ALA C 293 44.63 13.76 13.68
CA ALA C 293 45.70 12.99 14.31
C ALA C 293 45.81 11.60 13.71
N TYR C 294 44.66 10.98 13.39
CA TYR C 294 44.67 9.69 12.71
C TYR C 294 45.30 9.79 11.34
N ALA C 295 45.18 10.95 10.69
CA ALA C 295 45.70 11.13 9.33
C ALA C 295 47.22 11.03 9.27
N SER C 296 47.92 11.19 10.39
CA SER C 296 49.37 11.10 10.38
C SER C 296 49.86 9.86 11.12
N ARG C 297 49.00 8.86 11.30
CA ARG C 297 49.37 7.65 12.02
C ARG C 297 50.55 6.94 11.38
N SER C 298 50.67 7.02 10.04
CA SER C 298 51.69 6.28 9.30
C SER C 298 53.06 6.93 9.32
N GLY C 299 53.23 8.05 10.02
CA GLY C 299 54.47 8.77 9.97
C GLY C 299 54.46 9.96 9.03
N SER C 300 53.44 10.08 8.20
CA SER C 300 53.31 11.17 7.24
C SER C 300 51.86 11.63 7.24
N TYR C 301 51.63 12.95 7.28
CA TYR C 301 50.27 13.44 7.19
C TYR C 301 49.72 13.16 5.78
N THR C 302 48.69 12.33 5.70
CA THR C 302 48.17 11.93 4.40
C THR C 302 46.63 11.91 4.42
N SER C 303 46.08 11.48 3.28
CA SER C 303 44.65 11.48 3.04
C SER C 303 43.95 10.41 3.89
N LEU C 304 42.82 10.80 4.51
CA LEU C 304 42.01 9.83 5.23
C LEU C 304 41.16 8.96 4.32
N THR C 305 41.01 9.33 3.05
CA THR C 305 40.25 8.50 2.12
C THR C 305 41.19 7.80 1.16
N ARG C 306 40.64 6.79 0.50
CA ARG C 306 41.30 6.06 -0.56
C ARG C 306 40.38 6.04 -1.77
N TRP C 307 40.93 6.30 -2.96
CA TRP C 307 40.14 6.24 -4.19
C TRP C 307 40.81 5.29 -5.18
N GLU C 308 40.02 4.37 -5.75
CA GLU C 308 40.52 3.25 -6.52
C GLU C 308 39.55 2.96 -7.65
N LYS C 309 39.86 1.93 -8.44
CA LYS C 309 38.88 1.35 -9.36
C LYS C 309 38.69 -0.12 -9.02
N ASP C 310 37.47 -0.62 -9.19
CA ASP C 310 37.26 -2.05 -9.10
C ASP C 310 37.58 -2.69 -10.45
N ALA C 311 37.42 -4.01 -10.55
CA ALA C 311 37.86 -4.73 -11.75
C ALA C 311 37.12 -4.26 -13.00
N GLY C 312 35.88 -3.81 -12.85
CA GLY C 312 35.08 -3.29 -13.94
C GLY C 312 35.35 -1.86 -14.32
N GLY C 313 36.23 -1.17 -13.61
CA GLY C 313 36.53 0.22 -13.92
C GLY C 313 35.70 1.25 -13.20
N ALA C 314 34.81 0.85 -12.29
CA ALA C 314 34.05 1.82 -11.51
C ALA C 314 34.92 2.41 -10.40
N LEU C 315 34.65 3.67 -10.09
CA LEU C 315 35.38 4.37 -9.03
C LEU C 315 34.88 3.92 -7.65
N VAL C 316 35.80 3.49 -6.79
CA VAL C 316 35.47 3.02 -5.46
C VAL C 316 36.22 3.88 -4.46
N GLY C 317 35.48 4.49 -3.53
CA GLY C 317 36.06 5.33 -2.51
C GLY C 317 35.82 4.73 -1.14
N SER C 318 36.73 5.02 -0.22
CA SER C 318 36.63 4.44 1.11
C SER C 318 37.23 5.41 2.10
N ILE C 319 36.72 5.36 3.34
CA ILE C 319 37.19 6.22 4.40
C ILE C 319 37.14 5.43 5.71
N GLU C 320 38.06 5.78 6.61
CA GLU C 320 38.15 5.20 7.95
C GLU C 320 38.77 6.25 8.86
N LEU C 321 38.12 6.55 9.99
CA LEU C 321 38.61 7.60 10.89
C LEU C 321 37.93 7.46 12.25
N PRO C 322 38.54 8.02 13.30
CA PRO C 322 37.87 8.06 14.60
C PRO C 322 36.61 8.90 14.55
N MET C 323 35.57 8.45 15.25
CA MET C 323 34.27 9.12 15.26
C MET C 323 33.69 9.09 16.67
N PRO C 324 34.27 9.88 17.59
CA PRO C 324 33.69 9.98 18.94
C PRO C 324 32.49 10.93 18.96
N VAL C 325 31.27 10.39 18.84
CA VAL C 325 30.06 11.20 18.87
C VAL C 325 29.05 10.51 19.77
N GLY C 326 28.04 11.26 20.18
CA GLY C 326 26.99 10.73 21.02
C GLY C 326 25.60 11.08 20.54
N LEU C 327 24.65 10.21 20.90
CA LEU C 327 23.23 10.53 20.90
C LEU C 327 22.75 11.04 22.25
N VAL C 328 23.54 10.83 23.30
CA VAL C 328 23.27 11.33 24.65
C VAL C 328 24.56 11.99 25.16
N GLY C 329 24.40 12.80 26.20
CA GLY C 329 25.55 13.44 26.82
C GLY C 329 25.90 14.76 26.15
N GLY C 330 26.72 15.54 26.86
CA GLY C 330 27.05 16.88 26.41
C GLY C 330 25.80 17.68 26.10
N ALA C 331 25.78 18.26 24.91
CA ALA C 331 24.68 19.11 24.48
C ALA C 331 23.70 18.38 23.59
N THR C 332 23.95 17.11 23.26
CA THR C 332 23.22 16.47 22.17
C THR C 332 21.72 16.45 22.42
N LYS C 333 21.30 16.34 23.66
CA LYS C 333 19.88 16.37 24.01
C LYS C 333 19.50 17.60 24.82
N THR C 334 20.44 18.52 25.02
CA THR C 334 20.18 19.74 25.77
C THR C 334 19.78 20.89 24.85
N HIS C 335 20.52 21.09 23.77
CA HIS C 335 20.12 22.04 22.75
C HIS C 335 18.85 21.56 22.06
N PRO C 336 17.75 22.31 22.08
CA PRO C 336 16.49 21.77 21.53
C PRO C 336 16.58 21.45 20.05
N LEU C 337 17.41 22.17 19.30
CA LEU C 337 17.57 21.91 17.88
C LEU C 337 18.44 20.69 17.61
N ALA C 338 19.50 20.51 18.40
CA ALA C 338 20.28 19.29 18.26
C ALA C 338 19.40 18.08 18.51
N ARG C 339 18.55 18.15 19.54
CA ARG C 339 17.64 17.05 19.81
C ARG C 339 16.68 16.84 18.64
N LEU C 340 16.23 17.94 18.02
CA LEU C 340 15.40 17.85 16.82
C LEU C 340 16.20 17.32 15.63
N ALA C 341 17.44 17.79 15.47
CA ALA C 341 18.30 17.27 14.42
C ALA C 341 18.40 15.75 14.51
N LEU C 342 18.62 15.22 15.72
CA LEU C 342 18.83 13.78 15.88
C LEU C 342 17.56 12.98 15.64
N LYS C 343 16.39 13.53 15.99
CA LYS C 343 15.14 12.85 15.68
C LYS C 343 14.87 12.87 14.16
N ILE C 344 15.26 13.94 13.47
CA ILE C 344 15.09 13.99 12.02
C ILE C 344 15.93 12.90 11.35
N MET C 345 17.19 12.75 11.77
CA MET C 345 18.05 11.70 11.21
C MET C 345 17.63 10.31 11.66
N ASP C 346 17.00 10.21 12.83
CA ASP C 346 16.29 9.01 13.25
C ASP C 346 17.25 7.83 13.42
N LEU C 347 18.21 8.00 14.32
CA LEU C 347 19.25 6.98 14.52
C LEU C 347 18.95 6.15 15.74
N GLN C 348 19.51 4.94 15.73
CA GLN C 348 19.36 4.01 16.82
C GLN C 348 20.60 3.93 17.71
N SER C 349 21.78 4.24 17.17
CA SER C 349 22.98 4.18 17.98
C SER C 349 23.92 5.32 17.59
N ALA C 350 24.78 5.69 18.55
CA ALA C 350 25.85 6.63 18.25
C ALA C 350 26.75 6.11 17.14
N GLN C 351 26.95 4.80 17.07
CA GLN C 351 27.76 4.27 15.98
C GLN C 351 27.09 4.53 14.64
N GLN C 352 25.77 4.46 14.60
CA GLN C 352 25.05 4.80 13.38
C GLN C 352 25.31 6.25 12.96
N LEU C 353 25.33 7.17 13.94
CA LEU C 353 25.64 8.56 13.60
C LEU C 353 27.06 8.68 13.05
N GLY C 354 28.01 7.96 13.64
CA GLY C 354 29.37 8.02 13.15
C GLY C 354 29.52 7.51 11.73
N GLU C 355 28.77 6.46 11.39
CA GLU C 355 28.83 5.92 10.05
C GLU C 355 28.25 6.89 9.03
N ILE C 356 27.15 7.56 9.38
CA ILE C 356 26.59 8.58 8.48
C ILE C 356 27.60 9.71 8.27
N ALA C 357 28.20 10.19 9.37
CA ALA C 357 29.24 11.22 9.25
C ALA C 357 30.32 10.79 8.29
N ALA C 358 30.81 9.55 8.42
CA ALA C 358 31.88 9.08 7.55
C ALA C 358 31.43 9.05 6.10
N ALA C 359 30.20 8.58 5.87
CA ALA C 359 29.67 8.63 4.52
C ALA C 359 29.55 10.08 4.04
N VAL C 360 29.05 10.98 4.90
CA VAL C 360 28.96 12.38 4.47
C VAL C 360 30.34 12.94 4.18
N GLY C 361 31.33 12.64 5.02
CA GLY C 361 32.69 13.07 4.73
C GLY C 361 33.24 12.50 3.43
N LEU C 362 32.98 11.22 3.15
CA LEU C 362 33.44 10.61 1.89
C LEU C 362 32.81 11.30 0.69
N ALA C 363 31.50 11.58 0.77
CA ALA C 363 30.79 12.24 -0.32
C ALA C 363 31.34 13.65 -0.54
N GLN C 364 31.54 14.40 0.54
CA GLN C 364 32.10 15.74 0.38
C GLN C 364 33.44 15.70 -0.35
N ASN C 365 34.33 14.78 0.07
CA ASN C 365 35.63 14.62 -0.57
C ASN C 365 35.49 14.37 -2.07
N LEU C 366 34.62 13.42 -2.45
CA LEU C 366 34.36 13.17 -3.87
C LEU C 366 34.00 14.45 -4.59
N GLY C 367 33.00 15.18 -4.07
CA GLY C 367 32.57 16.40 -4.75
C GLY C 367 33.69 17.39 -4.94
N ALA C 368 34.59 17.48 -3.95
CA ALA C 368 35.81 18.27 -4.10
C ALA C 368 36.68 17.74 -5.22
N LEU C 369 36.99 16.44 -5.21
CA LEU C 369 37.95 15.92 -6.19
C LEU C 369 37.38 15.96 -7.59
N ARG C 370 36.12 15.56 -7.74
CA ARG C 370 35.44 15.62 -9.04
C ARG C 370 35.38 17.04 -9.59
N ALA C 371 35.07 18.02 -8.74
CA ALA C 371 34.96 19.40 -9.22
C ALA C 371 36.32 19.95 -9.63
N LEU C 372 37.33 19.77 -8.77
CA LEU C 372 38.65 20.33 -9.06
C LEU C 372 39.29 19.64 -10.24
N ALA C 373 38.98 18.36 -10.46
CA ALA C 373 39.61 17.64 -11.57
C ALA C 373 38.96 18.00 -12.91
N THR C 374 37.65 18.23 -12.92
CA THR C 374 36.94 18.53 -14.15
C THR C 374 36.85 20.02 -14.46
N GLU C 375 37.33 20.90 -13.59
CA GLU C 375 37.31 22.31 -13.90
C GLU C 375 38.14 22.59 -15.14
N GLY C 376 37.55 23.25 -16.12
CA GLY C 376 38.27 23.54 -17.34
C GLY C 376 39.40 24.54 -17.13
N ILE C 377 40.39 24.46 -18.03
CA ILE C 377 41.49 25.43 -18.00
C ILE C 377 41.01 26.79 -18.49
N GLN C 378 40.33 26.80 -19.63
CA GLN C 378 39.55 27.96 -20.01
C GLN C 378 38.09 27.73 -19.62
N ARG C 379 37.35 28.83 -19.51
CA ARG C 379 35.99 28.76 -19.01
C ARG C 379 35.11 28.00 -20.02
N GLY C 380 34.46 26.94 -19.53
CA GLY C 380 33.58 26.14 -20.35
C GLY C 380 32.23 26.79 -20.54
N HIS C 381 31.33 26.04 -21.19
CA HIS C 381 30.02 26.58 -21.53
C HIS C 381 29.21 26.90 -20.27
N MET C 382 29.29 26.03 -19.25
CA MET C 382 28.54 26.26 -18.03
C MET C 382 29.05 27.51 -17.31
N ALA C 383 30.36 27.69 -17.25
CA ALA C 383 30.92 28.85 -16.58
C ALA C 383 30.45 30.14 -17.23
N LEU C 384 30.54 30.20 -18.57
CA LEU C 384 30.15 31.41 -19.28
C LEU C 384 28.66 31.69 -19.11
N HIS C 385 27.85 30.63 -19.13
CA HIS C 385 26.42 30.77 -18.86
C HIS C 385 26.18 31.32 -17.46
N ALA C 386 26.93 30.83 -16.47
CA ALA C 386 26.77 31.31 -15.10
C ALA C 386 27.17 32.77 -14.97
N ARG C 387 28.19 33.20 -15.71
CA ARG C 387 28.53 34.62 -15.69
C ARG C 387 27.42 35.44 -16.30
N ASN C 388 26.87 34.97 -17.42
CA ASN C 388 25.78 35.69 -18.07
C ASN C 388 24.60 35.86 -17.11
N ILE C 389 24.23 34.79 -16.41
CA ILE C 389 23.15 34.87 -15.45
C ILE C 389 23.47 35.92 -14.40
N ALA C 390 24.68 35.87 -13.85
CA ALA C 390 25.11 36.87 -12.88
C ALA C 390 24.99 38.28 -13.44
N LEU C 391 25.36 38.47 -14.71
CA LEU C 391 25.27 39.79 -15.33
C LEU C 391 23.83 40.25 -15.41
N VAL C 392 22.94 39.38 -15.87
CA VAL C 392 21.52 39.68 -16.00
C VAL C 392 20.90 40.03 -14.65
N ALA C 393 21.38 39.42 -13.56
CA ALA C 393 20.92 39.77 -12.22
C ALA C 393 21.53 41.09 -11.71
N GLY C 394 22.34 41.76 -12.53
CA GLY C 394 22.90 43.04 -12.15
C GLY C 394 24.26 43.03 -11.47
N ALA C 395 24.98 41.89 -11.47
CA ALA C 395 26.31 41.88 -10.90
C ALA C 395 27.27 42.66 -11.79
N THR C 396 28.15 43.43 -11.16
CA THR C 396 29.17 44.20 -11.87
C THR C 396 30.52 43.99 -11.19
N GLY C 397 31.59 44.19 -11.98
CA GLY C 397 32.93 44.14 -11.44
C GLY C 397 33.27 42.77 -10.91
N ASP C 398 33.84 42.74 -9.72
CA ASP C 398 34.19 41.48 -9.09
C ASP C 398 32.97 40.66 -8.70
N GLU C 399 31.80 41.27 -8.59
CA GLU C 399 30.59 40.51 -8.28
C GLU C 399 30.29 39.46 -9.34
N VAL C 400 30.75 39.64 -10.58
CA VAL C 400 30.40 38.73 -11.66
C VAL C 400 30.97 37.35 -11.39
N ASP C 401 32.30 37.24 -11.33
CA ASP C 401 32.88 35.91 -11.15
C ASP C 401 32.55 35.36 -9.75
N ALA C 402 32.44 36.21 -8.73
CA ALA C 402 32.10 35.72 -7.40
C ALA C 402 30.73 35.03 -7.39
N VAL C 403 29.72 35.69 -7.98
CA VAL C 403 28.40 35.08 -8.08
C VAL C 403 28.41 33.88 -9.02
N ALA C 404 29.10 34.00 -10.16
CA ALA C 404 29.15 32.90 -11.13
C ALA C 404 29.80 31.66 -10.53
N ARG C 405 30.90 31.83 -9.80
CA ARG C 405 31.54 30.71 -9.13
C ARG C 405 30.56 29.99 -8.20
N GLN C 406 29.87 30.74 -7.32
CA GLN C 406 29.00 30.06 -6.36
C GLN C 406 27.84 29.37 -7.04
N LEU C 407 27.22 30.03 -8.03
CA LEU C 407 26.10 29.43 -8.74
C LEU C 407 26.48 28.10 -9.38
N ALA C 408 27.66 28.05 -10.01
CA ALA C 408 28.09 26.81 -10.65
C ALA C 408 28.41 25.72 -9.62
N ALA C 409 29.11 26.08 -8.55
CA ALA C 409 29.41 25.11 -7.50
C ALA C 409 28.13 24.61 -6.82
N GLU C 410 27.05 25.40 -6.83
CA GLU C 410 25.77 25.02 -6.25
C GLU C 410 24.88 24.24 -7.23
N HIS C 411 25.28 24.15 -8.50
CA HIS C 411 24.45 23.54 -9.54
C HIS C 411 23.05 24.15 -9.51
N ASP C 412 23.02 25.47 -9.40
CA ASP C 412 21.80 26.23 -9.21
C ASP C 412 21.92 27.53 -10.01
N VAL C 413 22.16 27.40 -11.31
CA VAL C 413 22.34 28.56 -12.17
C VAL C 413 20.99 29.13 -12.60
N ARG C 414 20.38 29.93 -11.72
CA ARG C 414 19.10 30.59 -11.98
C ARG C 414 19.25 32.07 -11.68
N THR C 415 18.47 32.89 -12.37
CA THR C 415 18.52 34.31 -12.10
C THR C 415 18.14 34.61 -10.64
N ASP C 416 17.12 33.92 -10.13
CA ASP C 416 16.71 34.12 -8.74
C ASP C 416 17.83 33.77 -7.77
N ARG C 417 18.52 32.65 -8.00
CA ARG C 417 19.63 32.29 -7.13
C ARG C 417 20.72 33.35 -7.18
N ALA C 418 21.00 33.89 -8.37
CA ALA C 418 22.02 34.93 -8.51
C ALA C 418 21.67 36.17 -7.69
N LEU C 419 20.37 36.51 -7.58
CA LEU C 419 19.97 37.65 -6.77
C LEU C 419 20.12 37.34 -5.28
N GLU C 420 19.75 36.12 -4.89
CA GLU C 420 19.93 35.67 -3.52
C GLU C 420 21.40 35.67 -3.13
N VAL C 421 22.27 35.14 -4.00
CA VAL C 421 23.71 35.14 -3.72
C VAL C 421 24.25 36.57 -3.73
N LEU C 422 23.88 37.35 -4.75
CA LEU C 422 24.36 38.72 -4.87
C LEU C 422 24.03 39.54 -3.62
N ALA C 423 22.82 39.35 -3.07
CA ALA C 423 22.45 40.05 -1.83
C ALA C 423 23.32 39.61 -0.67
N ALA C 424 23.69 38.32 -0.63
CA ALA C 424 24.59 37.85 0.41
C ALA C 424 25.98 38.43 0.24
N LEU C 425 26.50 38.44 -0.99
CA LEU C 425 27.84 38.98 -1.20
C LEU C 425 27.89 40.45 -0.84
N ARG C 426 26.84 41.21 -1.22
CA ARG C 426 26.82 42.66 -1.03
C ARG C 426 26.60 43.06 0.43
N ALA C 427 26.13 42.14 1.27
CA ALA C 427 25.97 42.45 2.68
C ALA C 427 27.30 42.78 3.37
N ARG C 428 28.45 42.50 2.72
CA ARG C 428 29.73 42.88 3.32
C ARG C 428 30.03 44.37 3.16
N ALA C 429 28.96 45.17 3.24
CA ALA C 429 28.93 46.64 3.18
C ALA C 429 30.26 47.33 3.50
#